data_6UXO
#
_entry.id   6UXO
#
_cell.length_a   158.941
_cell.length_b   91.835
_cell.length_c   95.716
_cell.angle_alpha   90.000
_cell.angle_beta   107.520
_cell.angle_gamma   90.000
#
_symmetry.space_group_name_H-M   'C 1 2 1'
#
loop_
_entity.id
_entity.type
_entity.pdbx_description
1 polymer 'Bcl-2 homologous antagonist/killer'
2 non-polymer DODECYL-BETA-D-MALTOSIDE
3 non-polymer 'SULFATE ION'
4 non-polymer 'ACETATE ION'
5 non-polymer 1,2-ETHANEDIOL
6 water water
#
_entity_poly.entity_id   1
_entity_poly.type   'polypeptide(L)'
_entity_poly.pdbx_seq_one_letter_code
;GPLGSSTMGQVGRQLAIIGDDINRRYDSEFQTMLQHLQPTAENAYEYFTKIATSLFESGINWGRVVALLGFGYRLALHVY
QHGLT
;
_entity_poly.pdbx_strand_id   A,B,C,D,E,F,G,H,I,J,K,L
#
# COMPACT_ATOMS: atom_id res chain seq x y z
N SER A 5 20.38 11.29 -10.30
CA SER A 5 21.82 11.11 -10.10
C SER A 5 22.33 11.92 -8.91
N SER A 6 22.81 13.14 -9.16
CA SER A 6 23.48 13.89 -8.11
C SER A 6 22.50 14.22 -6.99
N THR A 7 23.02 14.21 -5.77
CA THR A 7 22.17 14.49 -4.62
C THR A 7 21.67 15.93 -4.65
N MET A 8 22.52 16.87 -5.09
CA MET A 8 22.08 18.25 -5.22
C MET A 8 20.93 18.37 -6.21
N GLY A 9 21.01 17.66 -7.35
CA GLY A 9 19.89 17.65 -8.27
C GLY A 9 18.62 17.09 -7.64
N GLN A 10 18.75 15.99 -6.91
CA GLN A 10 17.59 15.39 -6.26
C GLN A 10 16.97 16.33 -5.26
N VAL A 11 17.80 17.03 -4.49
CA VAL A 11 17.30 17.97 -3.49
C VAL A 11 16.59 19.13 -4.18
N GLY A 12 17.13 19.58 -5.32
CA GLY A 12 16.48 20.65 -6.05
C GLY A 12 15.09 20.27 -6.53
N ARG A 13 14.93 19.05 -7.03
CA ARG A 13 13.61 18.57 -7.45
C ARG A 13 12.65 18.39 -6.26
N GLN A 14 13.16 17.98 -5.09
CA GLN A 14 12.31 17.89 -3.89
C GLN A 14 11.85 19.24 -3.40
N LEU A 15 12.69 20.27 -3.55
CA LEU A 15 12.27 21.64 -3.26
C LEU A 15 11.29 22.15 -4.29
N ALA A 16 11.43 21.71 -5.55
CA ALA A 16 10.43 22.04 -6.56
C ALA A 16 9.05 21.52 -6.15
N ILE A 17 8.98 20.29 -5.61
CA ILE A 17 7.68 19.74 -5.17
C ILE A 17 7.16 20.52 -3.97
N ILE A 18 8.04 20.76 -3.01
CA ILE A 18 7.66 21.53 -1.82
C ILE A 18 7.15 22.91 -2.22
N GLY A 19 7.92 23.62 -3.05
CA GLY A 19 7.51 24.96 -3.46
C GLY A 19 6.18 24.98 -4.20
N ASP A 20 6.01 24.02 -5.12
CA ASP A 20 4.71 23.89 -5.80
C ASP A 20 3.59 23.58 -4.81
N ASP A 21 3.88 22.79 -3.79
CA ASP A 21 2.86 22.49 -2.76
C ASP A 21 2.51 23.76 -1.98
N ILE A 22 3.52 24.55 -1.61
CA ILE A 22 3.28 25.78 -0.88
C ILE A 22 2.48 26.74 -1.75
N ASN A 23 2.86 26.88 -3.00
CA ASN A 23 2.10 27.67 -3.96
C ASN A 23 0.63 27.21 -4.04
N ARG A 24 0.42 25.89 -4.19
CA ARG A 24 -0.94 25.34 -4.33
C ARG A 24 -1.76 25.53 -3.06
N ARG A 25 -1.13 25.41 -1.90
CA ARG A 25 -1.88 25.35 -0.66
C ARG A 25 -2.34 26.73 -0.19
N TYR A 26 -1.55 27.78 -0.46
CA TYR A 26 -1.77 29.06 0.19
C TYR A 26 -1.99 30.24 -0.76
N ASP A 27 -1.82 30.06 -2.07
CA ASP A 27 -1.91 31.22 -2.96
C ASP A 27 -3.33 31.78 -3.00
N SER A 28 -4.35 30.91 -3.01
CA SER A 28 -5.72 31.39 -2.96
C SER A 28 -6.02 32.09 -1.63
N GLU A 29 -5.43 31.61 -0.54
CA GLU A 29 -5.61 32.28 0.73
C GLU A 29 -5.01 33.68 0.69
N PHE A 30 -3.78 33.81 0.16
CA PHE A 30 -3.17 35.13 0.02
C PHE A 30 -4.05 36.07 -0.80
N GLN A 31 -4.59 35.57 -1.91
CA GLN A 31 -5.45 36.39 -2.76
C GLN A 31 -6.70 36.84 -2.01
N THR A 32 -7.35 35.92 -1.28
CA THR A 32 -8.53 36.30 -0.51
C THR A 32 -8.14 37.32 0.57
N MET A 33 -7.02 37.08 1.25
CA MET A 33 -6.56 38.01 2.27
C MET A 33 -6.32 39.41 1.68
N LEU A 34 -5.79 39.46 0.45
CA LEU A 34 -5.60 40.75 -0.23
C LEU A 34 -6.92 41.37 -0.66
N GLN A 35 -7.91 40.56 -1.01
CA GLN A 35 -9.21 41.13 -1.32
C GLN A 35 -9.84 41.75 -0.08
N HIS A 36 -9.66 41.11 1.08
CA HIS A 36 -10.24 41.66 2.31
C HIS A 36 -9.51 42.91 2.75
N LEU A 37 -8.19 42.96 2.59
CA LEU A 37 -7.41 44.10 3.02
C LEU A 37 -7.66 45.35 2.17
N GLN A 38 -7.90 45.16 0.88
CA GLN A 38 -8.01 46.25 -0.09
C GLN A 38 -6.79 47.18 -0.04
N PRO A 39 -5.58 46.65 -0.21
CA PRO A 39 -4.40 47.50 -0.08
C PRO A 39 -4.23 48.43 -1.28
N THR A 40 -3.68 49.60 -0.99
CA THR A 40 -3.38 50.59 -2.01
C THR A 40 -1.90 50.92 -1.98
N ALA A 41 -1.48 51.68 -3.00
CA ALA A 41 -0.09 52.12 -3.09
C ALA A 41 0.37 52.84 -1.83
N GLU A 42 -0.50 53.65 -1.23
CA GLU A 42 -0.06 54.49 -0.13
C GLU A 42 -0.11 53.80 1.23
N ASN A 43 -0.92 52.74 1.40
CA ASN A 43 -1.04 52.12 2.71
C ASN A 43 -0.41 50.72 2.79
N ALA A 44 0.16 50.22 1.69
CA ALA A 44 0.61 48.82 1.67
C ALA A 44 1.77 48.58 2.63
N TYR A 45 2.70 49.52 2.75
CA TYR A 45 3.84 49.30 3.63
C TYR A 45 3.42 49.29 5.10
N GLU A 46 2.56 50.23 5.49
CA GLU A 46 2.04 50.22 6.86
C GLU A 46 1.17 48.98 7.11
N TYR A 47 0.39 48.56 6.12
CA TYR A 47 -0.36 47.32 6.26
C TYR A 47 0.57 46.14 6.49
N PHE A 48 1.67 46.09 5.73
CA PHE A 48 2.60 44.98 5.85
C PHE A 48 3.30 44.98 7.21
N THR A 49 3.65 46.16 7.73
CA THR A 49 4.35 46.20 9.02
C THR A 49 3.43 45.81 10.17
N LYS A 50 2.15 46.21 10.11
CA LYS A 50 1.20 45.83 11.14
C LYS A 50 0.86 44.33 11.07
N ILE A 51 0.77 43.79 9.86
CA ILE A 51 0.52 42.36 9.70
C ILE A 51 1.70 41.56 10.26
N ALA A 52 2.92 42.00 9.96
CA ALA A 52 4.11 41.30 10.43
C ALA A 52 4.18 41.35 11.95
N THR A 53 3.86 42.52 12.52
CA THR A 53 3.77 42.63 13.97
C THR A 53 2.74 41.65 14.52
N SER A 54 1.57 41.57 13.91
CA SER A 54 0.54 40.65 14.39
C SER A 54 0.99 39.20 14.26
N LEU A 55 1.70 38.90 13.19
CA LEU A 55 2.16 37.54 12.95
C LEU A 55 3.16 37.12 14.02
N PHE A 56 4.20 37.92 14.23
CA PHE A 56 5.26 37.50 15.14
C PHE A 56 4.89 37.70 16.61
N GLU A 57 3.67 38.17 16.90
CA GLU A 57 3.24 38.25 18.29
C GLU A 57 3.19 36.86 18.91
N SER A 58 3.02 35.81 18.10
CA SER A 58 2.96 34.44 18.61
C SER A 58 4.22 33.64 18.30
N GLY A 59 5.33 34.31 17.99
CA GLY A 59 6.60 33.64 17.85
C GLY A 59 7.14 33.67 16.44
N ILE A 60 8.26 32.97 16.26
CA ILE A 60 8.97 32.98 14.98
C ILE A 60 9.58 31.60 14.71
N ASN A 61 9.56 31.22 13.44
CA ASN A 61 10.28 30.08 12.89
C ASN A 61 10.40 30.35 11.39
N TRP A 62 11.16 29.50 10.69
CA TRP A 62 11.41 29.81 9.29
C TRP A 62 10.14 29.71 8.45
N GLY A 63 9.23 28.82 8.86
CA GLY A 63 7.96 28.73 8.13
C GLY A 63 7.19 30.04 8.17
N ARG A 64 7.16 30.69 9.32
CA ARG A 64 6.45 31.98 9.44
C ARG A 64 7.13 33.06 8.60
N VAL A 65 8.46 33.09 8.56
CA VAL A 65 9.15 34.11 7.79
C VAL A 65 8.86 33.94 6.30
N VAL A 66 8.95 32.70 5.80
CA VAL A 66 8.72 32.51 4.37
C VAL A 66 7.26 32.76 4.00
N ALA A 67 6.31 32.43 4.90
CA ALA A 67 4.93 32.83 4.65
C ALA A 67 4.81 34.34 4.50
N LEU A 68 5.42 35.08 5.43
CA LEU A 68 5.43 36.54 5.33
C LEU A 68 6.10 37.00 4.05
N LEU A 69 7.24 36.40 3.69
CA LEU A 69 7.94 36.79 2.46
C LEU A 69 7.07 36.59 1.24
N GLY A 70 6.46 35.40 1.12
CA GLY A 70 5.57 35.14 0.00
C GLY A 70 4.34 36.04 -0.02
N PHE A 71 3.78 36.32 1.16
CA PHE A 71 2.67 37.28 1.22
C PHE A 71 3.11 38.68 0.82
N GLY A 72 4.29 39.11 1.27
CA GLY A 72 4.77 40.42 0.86
C GLY A 72 4.94 40.55 -0.64
N TYR A 73 5.40 39.48 -1.29
CA TYR A 73 5.52 39.47 -2.74
C TYR A 73 4.14 39.61 -3.39
N ARG A 74 3.17 38.84 -2.90
CA ARG A 74 1.83 38.91 -3.46
C ARG A 74 1.21 40.27 -3.22
N LEU A 75 1.46 40.85 -2.05
CA LEU A 75 0.94 42.19 -1.74
C LEU A 75 1.49 43.22 -2.71
N ALA A 76 2.82 43.23 -2.90
CA ALA A 76 3.48 44.20 -3.77
C ALA A 76 3.01 44.06 -5.22
N LEU A 77 2.94 42.81 -5.71
CA LEU A 77 2.47 42.59 -7.07
C LEU A 77 1.01 43.00 -7.23
N HIS A 78 0.20 42.77 -6.19
CA HIS A 78 -1.22 43.13 -6.23
C HIS A 78 -1.39 44.64 -6.34
N VAL A 79 -0.79 45.39 -5.42
CA VAL A 79 -0.82 46.84 -5.47
C VAL A 79 -0.32 47.33 -6.81
N TYR A 80 0.82 46.79 -7.24
CA TYR A 80 1.42 47.19 -8.52
C TYR A 80 0.44 47.00 -9.66
N GLN A 81 -0.06 45.77 -9.83
CA GLN A 81 -0.93 45.50 -10.97
C GLN A 81 -2.25 46.25 -10.90
N HIS A 82 -2.75 46.51 -9.68
CA HIS A 82 -4.08 47.12 -9.54
C HIS A 82 -4.06 48.64 -9.72
N GLY A 83 -2.91 49.29 -9.58
CA GLY A 83 -2.80 50.68 -10.00
C GLY A 83 -2.65 50.86 -11.49
N LEU A 84 -2.17 49.82 -12.19
CA LEU A 84 -2.05 49.84 -13.64
C LEU A 84 -3.42 49.90 -14.31
N SER B 6 -9.69 44.00 13.54
CA SER B 6 -9.07 44.62 12.38
C SER B 6 -8.55 43.56 11.41
N THR B 7 -8.70 43.81 10.12
CA THR B 7 -8.27 42.84 9.12
C THR B 7 -6.77 42.59 9.20
N MET B 8 -5.99 43.61 9.59
CA MET B 8 -4.55 43.44 9.71
C MET B 8 -4.20 42.35 10.72
N GLY B 9 -4.71 42.48 11.94
CA GLY B 9 -4.47 41.46 12.95
C GLY B 9 -4.99 40.09 12.52
N GLN B 10 -6.15 40.06 11.87
CA GLN B 10 -6.68 38.80 11.37
C GLN B 10 -5.76 38.19 10.32
N VAL B 11 -5.25 39.01 9.40
CA VAL B 11 -4.35 38.49 8.37
C VAL B 11 -3.04 38.01 9.00
N GLY B 12 -2.50 38.79 9.93
CA GLY B 12 -1.30 38.36 10.63
C GLY B 12 -1.49 37.02 11.34
N ARG B 13 -2.64 36.85 12.01
CA ARG B 13 -2.89 35.59 12.72
C ARG B 13 -3.05 34.43 11.74
N GLN B 14 -3.66 34.65 10.57
CA GLN B 14 -3.75 33.55 9.62
C GLN B 14 -2.37 33.25 9.03
N LEU B 15 -1.55 34.27 8.77
CA LEU B 15 -0.19 34.01 8.29
C LEU B 15 0.60 33.20 9.31
N ALA B 16 0.38 33.45 10.61
CA ALA B 16 1.05 32.69 11.65
C ALA B 16 0.69 31.20 11.57
N ILE B 17 -0.59 30.89 11.37
CA ILE B 17 -0.99 29.48 11.26
C ILE B 17 -0.47 28.88 9.97
N ILE B 18 -0.50 29.64 8.87
CA ILE B 18 0.10 29.17 7.62
C ILE B 18 1.59 28.92 7.80
N GLY B 19 2.31 29.88 8.40
CA GLY B 19 3.72 29.67 8.70
C GLY B 19 3.98 28.40 9.49
N ASP B 20 3.22 28.21 10.59
CA ASP B 20 3.42 27.00 11.39
C ASP B 20 3.06 25.74 10.61
N ASP B 21 2.04 25.82 9.75
CA ASP B 21 1.73 24.69 8.86
C ASP B 21 2.92 24.35 7.96
N ILE B 22 3.53 25.37 7.36
CA ILE B 22 4.71 25.18 6.51
C ILE B 22 5.84 24.55 7.32
N ASN B 23 6.16 25.14 8.48
CA ASN B 23 7.18 24.59 9.39
C ASN B 23 6.93 23.11 9.68
N ARG B 24 5.72 22.76 10.14
CA ARG B 24 5.43 21.36 10.49
C ARG B 24 5.52 20.45 9.27
N ARG B 25 5.01 20.89 8.13
CA ARG B 25 4.90 19.99 6.97
C ARG B 25 6.25 19.63 6.38
N TYR B 26 7.22 20.57 6.39
CA TYR B 26 8.42 20.43 5.59
C TYR B 26 9.72 20.44 6.38
N ASP B 27 9.69 20.70 7.68
CA ASP B 27 10.97 20.79 8.39
C ASP B 27 11.69 19.45 8.44
N SER B 28 10.98 18.35 8.72
CA SER B 28 11.63 17.04 8.72
CA SER B 28 11.63 17.04 8.73
C SER B 28 12.15 16.68 7.34
N GLU B 29 11.45 17.10 6.28
CA GLU B 29 11.97 16.89 4.94
C GLU B 29 13.26 17.67 4.72
N PHE B 30 13.30 18.93 5.17
CA PHE B 30 14.56 19.67 5.11
C PHE B 30 15.65 18.96 5.90
N GLN B 31 15.34 18.47 7.10
CA GLN B 31 16.31 17.68 7.88
C GLN B 31 16.91 16.56 7.05
N THR B 32 16.04 15.79 6.39
CA THR B 32 16.49 14.61 5.64
C THR B 32 17.35 15.00 4.45
N MET B 33 16.95 16.06 3.74
CA MET B 33 17.75 16.57 2.63
C MET B 33 19.16 16.95 3.11
N LEU B 34 19.27 17.59 4.27
CA LEU B 34 20.57 18.00 4.77
C LEU B 34 21.41 16.79 5.17
N GLN B 35 20.78 15.79 5.78
CA GLN B 35 21.46 14.53 6.08
C GLN B 35 22.06 13.94 4.81
N HIS B 36 21.26 13.83 3.74
CA HIS B 36 21.77 13.25 2.49
C HIS B 36 22.86 14.11 1.86
N LEU B 37 22.80 15.43 2.05
CA LEU B 37 23.76 16.31 1.39
C LEU B 37 25.12 16.29 2.09
N GLN B 38 25.13 16.18 3.41
CA GLN B 38 26.33 16.32 4.22
C GLN B 38 27.10 17.60 3.86
N PRO B 39 26.46 18.76 3.97
CA PRO B 39 27.13 20.00 3.59
C PRO B 39 28.20 20.39 4.59
N THR B 40 29.20 21.11 4.10
CA THR B 40 30.26 21.69 4.92
C THR B 40 30.33 23.19 4.61
N ALA B 41 31.07 23.92 5.45
CA ALA B 41 31.33 25.32 5.13
C ALA B 41 31.98 25.46 3.76
N GLU B 42 32.85 24.49 3.40
CA GLU B 42 33.58 24.55 2.15
C GLU B 42 32.68 24.30 0.93
N ASN B 43 31.64 23.48 1.05
CA ASN B 43 30.82 23.14 -0.11
C ASN B 43 29.42 23.75 -0.06
N ALA B 44 29.10 24.56 0.95
CA ALA B 44 27.72 25.00 1.12
C ALA B 44 27.26 25.89 -0.03
N TYR B 45 28.12 26.82 -0.48
CA TYR B 45 27.72 27.72 -1.56
C TYR B 45 27.53 26.96 -2.87
N GLU B 46 28.49 26.09 -3.22
CA GLU B 46 28.35 25.24 -4.38
C GLU B 46 27.05 24.44 -4.34
N TYR B 47 26.80 23.78 -3.21
CA TYR B 47 25.60 22.97 -3.07
C TYR B 47 24.35 23.82 -3.22
N PHE B 48 24.30 24.97 -2.55
CA PHE B 48 23.09 25.80 -2.62
C PHE B 48 22.78 26.23 -4.05
N THR B 49 23.82 26.59 -4.82
CA THR B 49 23.59 27.08 -6.17
C THR B 49 23.23 25.94 -7.13
N LYS B 50 23.80 24.75 -6.93
CA LYS B 50 23.41 23.62 -7.77
C LYS B 50 21.99 23.17 -7.44
N ILE B 51 21.63 23.18 -6.15
CA ILE B 51 20.24 22.87 -5.76
C ILE B 51 19.27 23.86 -6.39
N ALA B 52 19.59 25.16 -6.32
CA ALA B 52 18.74 26.17 -6.91
C ALA B 52 18.62 25.97 -8.41
N THR B 53 19.74 25.66 -9.07
CA THR B 53 19.70 25.43 -10.52
C THR B 53 18.75 24.29 -10.84
N SER B 54 18.83 23.19 -10.08
CA SER B 54 17.96 22.06 -10.32
C SER B 54 16.51 22.40 -10.03
N LEU B 55 16.27 23.18 -8.98
CA LEU B 55 14.91 23.61 -8.64
C LEU B 55 14.28 24.37 -9.79
N PHE B 56 14.95 25.44 -10.25
CA PHE B 56 14.38 26.36 -11.23
C PHE B 56 14.36 25.79 -12.65
N GLU B 57 15.02 24.66 -12.88
CA GLU B 57 14.93 24.01 -14.19
C GLU B 57 13.50 23.60 -14.54
N SER B 58 12.61 23.50 -13.57
CA SER B 58 11.22 23.14 -13.85
C SER B 58 10.26 24.29 -13.60
N GLY B 59 10.76 25.52 -13.43
CA GLY B 59 9.94 26.71 -13.37
C GLY B 59 10.22 27.50 -12.11
N ILE B 60 9.54 28.65 -12.01
CA ILE B 60 9.68 29.50 -10.84
C ILE B 60 8.31 30.06 -10.45
N ASN B 61 8.01 30.03 -9.16
CA ASN B 61 6.86 30.75 -8.63
C ASN B 61 7.26 31.18 -7.23
N TRP B 62 6.42 32.01 -6.57
CA TRP B 62 6.83 32.48 -5.25
C TRP B 62 6.99 31.33 -4.27
N GLY B 63 6.16 30.29 -4.39
CA GLY B 63 6.32 29.11 -3.54
C GLY B 63 7.69 28.48 -3.63
N ARG B 64 8.20 28.31 -4.86
CA ARG B 64 9.54 27.76 -5.05
C ARG B 64 10.63 28.68 -4.51
N VAL B 65 10.49 29.99 -4.73
CA VAL B 65 11.50 30.90 -4.21
C VAL B 65 11.55 30.83 -2.68
N VAL B 66 10.39 30.94 -2.02
CA VAL B 66 10.46 31.00 -0.56
C VAL B 66 10.84 29.65 0.01
N ALA B 67 10.52 28.55 -0.68
CA ALA B 67 11.00 27.25 -0.21
C ALA B 67 12.52 27.19 -0.27
N LEU B 68 13.11 27.71 -1.36
CA LEU B 68 14.57 27.73 -1.48
C LEU B 68 15.19 28.59 -0.38
N LEU B 69 14.61 29.75 -0.11
CA LEU B 69 15.15 30.62 0.92
C LEU B 69 15.06 29.97 2.29
N GLY B 70 13.89 29.36 2.58
CA GLY B 70 13.76 28.60 3.81
C GLY B 70 14.80 27.52 3.93
N PHE B 71 14.94 26.70 2.87
CA PHE B 71 15.93 25.61 2.93
C PHE B 71 17.34 26.17 3.07
N GLY B 72 17.62 27.28 2.37
CA GLY B 72 18.96 27.85 2.44
C GLY B 72 19.28 28.37 3.82
N TYR B 73 18.30 28.93 4.51
CA TYR B 73 18.51 29.33 5.90
C TYR B 73 18.79 28.11 6.76
N ARG B 74 18.03 27.03 6.56
CA ARG B 74 18.28 25.80 7.33
C ARG B 74 19.65 25.23 7.01
N LEU B 75 20.08 25.35 5.74
CA LEU B 75 21.37 24.83 5.33
C LEU B 75 22.50 25.63 5.99
N ALA B 76 22.40 26.95 5.94
CA ALA B 76 23.42 27.78 6.57
C ALA B 76 23.51 27.49 8.06
N LEU B 77 22.36 27.46 8.73
CA LEU B 77 22.31 27.22 10.17
C LEU B 77 22.84 25.84 10.51
N HIS B 78 22.50 24.83 9.71
CA HIS B 78 23.04 23.50 9.92
C HIS B 78 24.57 23.52 9.90
N VAL B 79 25.14 24.14 8.86
CA VAL B 79 26.59 24.20 8.73
C VAL B 79 27.20 25.01 9.87
N TYR B 80 26.53 26.11 10.25
CA TYR B 80 27.02 26.92 11.35
C TYR B 80 27.11 26.11 12.64
N GLN B 81 26.02 25.45 13.02
CA GLN B 81 26.00 24.73 14.29
C GLN B 81 26.92 23.51 14.28
N HIS B 82 27.36 23.05 13.11
CA HIS B 82 28.38 22.01 13.00
C HIS B 82 29.73 22.64 12.64
N GLY B 83 30.04 22.71 11.36
CA GLY B 83 31.31 23.27 10.90
C GLY B 83 31.33 23.63 9.42
N GLY C 4 1.23 29.26 22.50
CA GLY C 4 -0.16 28.83 22.46
C GLY C 4 -0.66 28.42 23.84
N SER C 5 -1.31 29.36 24.52
CA SER C 5 -1.66 29.16 25.93
C SER C 5 -2.96 28.39 26.08
N SER C 6 -4.07 28.99 25.63
CA SER C 6 -5.38 28.41 25.89
C SER C 6 -5.56 27.09 25.14
N THR C 7 -5.99 26.06 25.87
CA THR C 7 -6.45 24.84 25.20
C THR C 7 -7.61 25.16 24.26
N MET C 8 -8.58 25.97 24.74
CA MET C 8 -9.62 26.45 23.84
C MET C 8 -9.02 27.26 22.70
N GLY C 9 -8.00 28.05 23.00
CA GLY C 9 -7.26 28.71 21.96
C GLY C 9 -6.68 27.73 20.96
N GLN C 10 -5.93 26.73 21.46
CA GLN C 10 -5.29 25.77 20.56
C GLN C 10 -6.31 24.99 19.73
N VAL C 11 -7.41 24.56 20.36
CA VAL C 11 -8.43 23.82 19.60
C VAL C 11 -9.04 24.70 18.51
N GLY C 12 -9.28 25.99 18.80
CA GLY C 12 -9.80 26.87 17.78
C GLY C 12 -8.87 27.01 16.58
N ARG C 13 -7.57 27.11 16.84
CA ARG C 13 -6.62 27.24 15.73
C ARG C 13 -6.54 25.96 14.91
N GLN C 14 -6.64 24.79 15.57
CA GLN C 14 -6.68 23.52 14.86
C GLN C 14 -7.91 23.42 13.98
N LEU C 15 -9.06 23.91 14.48
CA LEU C 15 -10.25 23.97 13.64
C LEU C 15 -10.09 24.97 12.51
N ALA C 16 -9.33 26.05 12.72
CA ALA C 16 -9.05 26.95 11.62
C ALA C 16 -8.24 26.25 10.52
N ILE C 17 -7.28 25.43 10.91
CA ILE C 17 -6.49 24.69 9.93
C ILE C 17 -7.36 23.70 9.16
N ILE C 18 -8.21 22.98 9.89
CA ILE C 18 -9.12 22.01 9.27
C ILE C 18 -10.08 22.72 8.33
N GLY C 19 -10.67 23.83 8.80
CA GLY C 19 -11.59 24.58 7.96
C GLY C 19 -10.96 25.12 6.69
N ASP C 20 -9.75 25.68 6.79
CA ASP C 20 -9.06 26.09 5.56
C ASP C 20 -8.79 24.89 4.64
N ASP C 21 -8.54 23.73 5.22
CA ASP C 21 -8.23 22.58 4.38
C ASP C 21 -9.49 22.12 3.66
N ILE C 22 -10.62 22.15 4.35
CA ILE C 22 -11.90 21.83 3.69
C ILE C 22 -12.16 22.82 2.57
N ASN C 23 -11.97 24.12 2.85
CA ASN C 23 -12.14 25.16 1.84
C ASN C 23 -11.21 24.93 0.66
N ARG C 24 -9.92 24.71 0.94
CA ARG C 24 -8.94 24.44 -0.12
C ARG C 24 -9.29 23.19 -0.92
N ARG C 25 -9.76 22.14 -0.25
CA ARG C 25 -9.88 20.86 -0.95
C ARG C 25 -11.13 20.78 -1.81
N TYR C 26 -12.22 21.44 -1.41
CA TYR C 26 -13.49 21.13 -2.02
C TYR C 26 -14.19 22.30 -2.69
N ASP C 27 -13.75 23.56 -2.46
CA ASP C 27 -14.46 24.71 -3.01
C ASP C 27 -14.53 24.67 -4.53
N SER C 28 -13.41 24.36 -5.20
CA SER C 28 -13.47 24.29 -6.66
C SER C 28 -14.37 23.17 -7.15
N GLU C 29 -14.43 22.06 -6.41
CA GLU C 29 -15.31 20.98 -6.80
C GLU C 29 -16.76 21.41 -6.73
N PHE C 30 -17.12 22.13 -5.65
CA PHE C 30 -18.48 22.67 -5.54
C PHE C 30 -18.80 23.61 -6.69
N GLN C 31 -17.83 24.45 -7.07
CA GLN C 31 -18.09 25.36 -8.18
C GLN C 31 -18.30 24.59 -9.49
N THR C 32 -17.52 23.54 -9.71
CA THR C 32 -17.70 22.74 -10.93
C THR C 32 -19.04 22.02 -10.93
N MET C 33 -19.43 21.43 -9.78
CA MET C 33 -20.76 20.85 -9.63
C MET C 33 -21.84 21.85 -10.05
N LEU C 34 -21.70 23.09 -9.56
CA LEU C 34 -22.68 24.13 -9.85
C LEU C 34 -22.69 24.49 -11.33
N GLN C 35 -21.53 24.55 -11.96
CA GLN C 35 -21.49 24.80 -13.40
C GLN C 35 -22.22 23.70 -14.17
N HIS C 36 -22.02 22.44 -13.75
CA HIS C 36 -22.68 21.33 -14.42
C HIS C 36 -24.18 21.36 -14.20
N LEU C 37 -24.61 21.74 -13.00
CA LEU C 37 -26.03 21.75 -12.68
C LEU C 37 -26.78 22.92 -13.29
N GLN C 38 -26.08 24.03 -13.56
CA GLN C 38 -26.70 25.26 -14.04
C GLN C 38 -27.97 25.62 -13.27
N PRO C 39 -27.93 25.68 -11.94
CA PRO C 39 -29.17 25.90 -11.18
C PRO C 39 -29.74 27.29 -11.42
N THR C 40 -31.05 27.39 -11.26
CA THR C 40 -31.77 28.65 -11.32
C THR C 40 -32.45 28.91 -9.97
N ALA C 41 -33.01 30.11 -9.84
CA ALA C 41 -33.75 30.40 -8.62
C ALA C 41 -34.98 29.52 -8.50
N GLU C 42 -35.57 29.10 -9.62
CA GLU C 42 -36.82 28.35 -9.54
C GLU C 42 -36.61 26.87 -9.24
N ASN C 43 -35.49 26.27 -9.64
CA ASN C 43 -35.26 24.85 -9.37
C ASN C 43 -34.23 24.58 -8.28
N ALA C 44 -33.66 25.62 -7.66
CA ALA C 44 -32.57 25.42 -6.71
C ALA C 44 -32.98 24.50 -5.57
N TYR C 45 -34.13 24.77 -4.97
CA TYR C 45 -34.62 23.92 -3.88
C TYR C 45 -34.81 22.49 -4.36
N GLU C 46 -35.44 22.33 -5.53
CA GLU C 46 -35.66 20.98 -6.06
C GLU C 46 -34.35 20.25 -6.32
N TYR C 47 -33.37 20.93 -6.92
CA TYR C 47 -32.06 20.30 -7.12
C TYR C 47 -31.42 19.93 -5.79
N PHE C 48 -31.49 20.83 -4.80
CA PHE C 48 -30.88 20.56 -3.51
C PHE C 48 -31.48 19.32 -2.86
N THR C 49 -32.81 19.22 -2.85
CA THR C 49 -33.42 18.06 -2.20
C THR C 49 -33.13 16.76 -2.95
N LYS C 50 -33.13 16.80 -4.29
CA LYS C 50 -32.77 15.61 -5.05
C LYS C 50 -31.31 15.23 -4.82
N ILE C 51 -30.43 16.24 -4.69
CA ILE C 51 -29.03 15.98 -4.41
C ILE C 51 -28.87 15.37 -3.03
N ALA C 52 -29.53 15.94 -2.02
CA ALA C 52 -29.45 15.42 -0.67
C ALA C 52 -29.92 13.97 -0.62
N THR C 53 -31.00 13.64 -1.33
CA THR C 53 -31.51 12.28 -1.32
C THR C 53 -30.48 11.31 -1.91
N SER C 54 -29.87 11.67 -3.04
CA SER C 54 -28.83 10.83 -3.62
C SER C 54 -27.66 10.65 -2.65
N LEU C 55 -27.27 11.73 -1.99
CA LEU C 55 -26.16 11.70 -1.04
C LEU C 55 -26.43 10.70 0.08
N PHE C 56 -27.53 10.87 0.81
CA PHE C 56 -27.77 10.04 1.98
C PHE C 56 -28.25 8.64 1.63
N GLU C 57 -28.42 8.34 0.34
CA GLU C 57 -28.75 6.97 -0.04
C GLU C 57 -27.67 6.00 0.45
N SER C 58 -26.42 6.45 0.53
CA SER C 58 -25.33 5.57 0.94
C SER C 58 -24.92 5.77 2.40
N GLY C 59 -25.73 6.46 3.20
CA GLY C 59 -25.51 6.56 4.63
C GLY C 59 -25.29 8.00 5.08
N ILE C 60 -25.05 8.13 6.39
CA ILE C 60 -24.95 9.45 7.01
C ILE C 60 -23.86 9.47 8.07
N ASN C 61 -23.12 10.57 8.12
CA ASN C 61 -22.17 10.89 9.19
C ASN C 61 -21.99 12.40 9.17
N TRP C 62 -21.25 12.93 10.15
CA TRP C 62 -21.15 14.38 10.23
C TRP C 62 -20.45 14.96 9.00
N GLY C 63 -19.45 14.25 8.47
CA GLY C 63 -18.76 14.75 7.28
C GLY C 63 -19.70 14.90 6.10
N ARG C 64 -20.60 13.93 5.90
CA ARG C 64 -21.58 14.04 4.83
C ARG C 64 -22.52 15.23 5.05
N VAL C 65 -22.95 15.46 6.28
CA VAL C 65 -23.84 16.59 6.56
C VAL C 65 -23.14 17.91 6.29
N VAL C 66 -21.90 18.07 6.78
CA VAL C 66 -21.25 19.36 6.59
C VAL C 66 -20.89 19.58 5.12
N ALA C 67 -20.62 18.51 4.38
CA ALA C 67 -20.42 18.66 2.94
C ALA C 67 -21.70 19.18 2.29
N LEU C 68 -22.85 18.68 2.73
CA LEU C 68 -24.12 19.16 2.17
C LEU C 68 -24.36 20.62 2.55
N LEU C 69 -24.03 20.99 3.80
CA LEU C 69 -24.20 22.38 4.23
C LEU C 69 -23.32 23.31 3.43
N GLY C 70 -22.05 22.97 3.28
CA GLY C 70 -21.16 23.78 2.45
C GLY C 70 -21.66 23.89 1.03
N PHE C 71 -22.14 22.77 0.46
CA PHE C 71 -22.66 22.83 -0.90
C PHE C 71 -23.93 23.68 -0.98
N GLY C 72 -24.85 23.53 -0.02
CA GLY C 72 -26.03 24.37 -0.01
C GLY C 72 -25.68 25.85 0.04
N TYR C 73 -24.66 26.20 0.83
CA TYR C 73 -24.23 27.60 0.90
C TYR C 73 -23.76 28.10 -0.45
N ARG C 74 -22.86 27.34 -1.10
CA ARG C 74 -22.38 27.76 -2.41
C ARG C 74 -23.51 27.78 -3.43
N LEU C 75 -24.45 26.85 -3.31
CA LEU C 75 -25.59 26.82 -4.22
C LEU C 75 -26.46 28.05 -4.04
N ALA C 76 -26.87 28.33 -2.79
CA ALA C 76 -27.64 29.53 -2.50
C ALA C 76 -26.93 30.77 -3.04
N LEU C 77 -25.62 30.87 -2.79
CA LEU C 77 -24.86 32.04 -3.17
C LEU C 77 -24.74 32.15 -4.69
N HIS C 78 -24.62 31.00 -5.36
CA HIS C 78 -24.48 30.98 -6.81
C HIS C 78 -25.77 31.41 -7.50
N VAL C 79 -26.91 30.94 -6.99
CA VAL C 79 -28.19 31.33 -7.57
C VAL C 79 -28.45 32.82 -7.35
N TYR C 80 -28.10 33.32 -6.17
CA TYR C 80 -28.28 34.74 -5.86
C TYR C 80 -27.45 35.60 -6.81
N GLN C 81 -26.15 35.32 -6.90
CA GLN C 81 -25.24 36.21 -7.61
C GLN C 81 -25.42 36.11 -9.12
N HIS C 82 -25.62 34.91 -9.64
CA HIS C 82 -25.86 34.73 -11.07
C HIS C 82 -27.30 35.07 -11.47
N GLY C 83 -27.98 35.86 -10.66
CA GLY C 83 -29.33 36.30 -10.96
C GLY C 83 -29.48 37.80 -10.77
N LEU C 84 -28.36 38.50 -10.75
CA LEU C 84 -28.36 39.96 -10.65
C LEU C 84 -27.97 40.59 -11.98
N SER D 6 -30.21 13.56 -13.23
CA SER D 6 -29.18 12.53 -13.20
C SER D 6 -27.84 13.18 -12.83
N THR D 7 -27.60 14.37 -13.37
CA THR D 7 -26.50 15.17 -12.84
C THR D 7 -26.67 15.37 -11.34
N MET D 8 -27.92 15.61 -10.90
CA MET D 8 -28.20 15.66 -9.46
C MET D 8 -27.79 14.37 -8.77
N GLY D 9 -28.08 13.22 -9.39
CA GLY D 9 -27.63 11.95 -8.84
C GLY D 9 -26.12 11.88 -8.71
N GLN D 10 -25.40 12.24 -9.78
CA GLN D 10 -23.94 12.21 -9.72
C GLN D 10 -23.40 13.20 -8.69
N VAL D 11 -24.04 14.37 -8.58
CA VAL D 11 -23.59 15.37 -7.60
C VAL D 11 -23.73 14.82 -6.18
N GLY D 12 -24.90 14.25 -5.87
CA GLY D 12 -25.10 13.68 -4.56
C GLY D 12 -24.12 12.56 -4.25
N ARG D 13 -23.79 11.74 -5.26
CA ARG D 13 -22.78 10.71 -5.01
C ARG D 13 -21.39 11.33 -4.83
N GLN D 14 -21.09 12.40 -5.54
CA GLN D 14 -19.80 13.03 -5.29
C GLN D 14 -19.76 13.69 -3.91
N LEU D 15 -20.86 14.30 -3.47
CA LEU D 15 -20.89 14.86 -2.12
C LEU D 15 -20.78 13.76 -1.08
N ALA D 16 -21.24 12.55 -1.40
CA ALA D 16 -21.12 11.42 -0.47
C ALA D 16 -19.66 11.07 -0.26
N ILE D 17 -18.88 11.04 -1.34
CA ILE D 17 -17.46 10.71 -1.24
C ILE D 17 -16.69 11.85 -0.58
N ILE D 18 -17.08 13.09 -0.86
CA ILE D 18 -16.44 14.23 -0.19
C ILE D 18 -16.72 14.19 1.30
N GLY D 19 -17.97 13.90 1.68
CA GLY D 19 -18.32 13.81 3.10
C GLY D 19 -17.57 12.67 3.82
N ASP D 20 -17.53 11.49 3.20
CA ASP D 20 -16.72 10.42 3.79
C ASP D 20 -15.25 10.82 3.87
N ASP D 21 -14.77 11.58 2.88
CA ASP D 21 -13.38 12.02 2.92
C ASP D 21 -13.16 12.96 4.10
N ILE D 22 -14.09 13.90 4.29
CA ILE D 22 -14.02 14.83 5.43
C ILE D 22 -14.02 14.04 6.74
N ASN D 23 -14.93 13.07 6.84
CA ASN D 23 -15.04 12.29 8.07
C ASN D 23 -13.74 11.53 8.35
N ARG D 24 -13.19 10.87 7.33
CA ARG D 24 -11.95 10.11 7.55
C ARG D 24 -10.77 11.02 7.84
N ARG D 25 -10.71 12.18 7.20
CA ARG D 25 -9.54 13.06 7.36
C ARG D 25 -9.52 13.68 8.74
N TYR D 26 -10.69 14.02 9.32
CA TYR D 26 -10.67 14.86 10.50
C TYR D 26 -11.33 14.27 11.73
N ASP D 27 -12.03 13.13 11.64
CA ASP D 27 -12.79 12.70 12.80
C ASP D 27 -11.87 12.30 13.95
N SER D 28 -10.73 11.68 13.65
CA SER D 28 -9.82 11.33 14.74
C SER D 28 -9.20 12.57 15.36
N GLU D 29 -9.01 13.62 14.57
CA GLU D 29 -8.53 14.89 15.13
C GLU D 29 -9.56 15.48 16.07
N PHE D 30 -10.85 15.45 15.70
CA PHE D 30 -11.89 15.85 16.63
C PHE D 30 -11.80 15.05 17.92
N GLN D 31 -11.53 13.75 17.81
CA GLN D 31 -11.48 12.89 19.00
C GLN D 31 -10.38 13.35 19.94
N THR D 32 -9.19 13.61 19.39
CA THR D 32 -8.07 14.10 20.19
C THR D 32 -8.45 15.38 20.92
N MET D 33 -9.10 16.31 20.21
CA MET D 33 -9.46 17.58 20.81
C MET D 33 -10.46 17.40 21.95
N LEU D 34 -11.47 16.56 21.73
CA LEU D 34 -12.42 16.25 22.80
C LEU D 34 -11.74 15.60 24.00
N GLN D 35 -10.70 14.77 23.74
CA GLN D 35 -9.95 14.16 24.84
C GLN D 35 -9.19 15.20 25.66
N HIS D 36 -8.55 16.17 24.98
CA HIS D 36 -7.87 17.23 25.71
C HIS D 36 -8.86 18.12 26.46
N LEU D 37 -10.04 18.34 25.89
CA LEU D 37 -10.99 19.27 26.47
C LEU D 37 -11.68 18.71 27.71
N GLN D 38 -11.92 17.40 27.75
CA GLN D 38 -12.78 16.76 28.73
C GLN D 38 -14.05 17.59 28.92
N PRO D 39 -14.89 17.71 27.90
CA PRO D 39 -16.10 18.54 28.05
C PRO D 39 -17.14 17.85 28.91
N THR D 40 -17.95 18.67 29.55
CA THR D 40 -19.05 18.21 30.38
C THR D 40 -20.29 18.99 30.00
N ALA D 41 -21.43 18.59 30.57
CA ALA D 41 -22.66 19.34 30.30
C ALA D 41 -22.54 20.78 30.73
N GLU D 42 -21.84 21.02 31.85
CA GLU D 42 -21.86 22.37 32.42
C GLU D 42 -20.88 23.32 31.75
N ASN D 43 -19.84 22.82 31.10
CA ASN D 43 -18.88 23.68 30.43
C ASN D 43 -18.93 23.60 28.90
N ALA D 44 -19.83 22.80 28.34
CA ALA D 44 -19.78 22.52 26.90
C ALA D 44 -19.99 23.78 26.07
N TYR D 45 -20.97 24.61 26.45
CA TYR D 45 -21.25 25.81 25.68
C TYR D 45 -20.14 26.85 25.86
N GLU D 46 -19.63 27.01 27.08
CA GLU D 46 -18.49 27.89 27.30
C GLU D 46 -17.33 27.53 26.38
N TYR D 47 -16.92 26.26 26.41
CA TYR D 47 -15.84 25.79 25.55
C TYR D 47 -16.14 26.05 24.08
N PHE D 48 -17.36 25.72 23.64
CA PHE D 48 -17.71 25.92 22.24
C PHE D 48 -17.55 27.38 21.84
N THR D 49 -18.06 28.30 22.65
CA THR D 49 -18.00 29.71 22.26
C THR D 49 -16.57 30.24 22.30
N LYS D 50 -15.73 29.76 23.22
CA LYS D 50 -14.35 30.21 23.25
C LYS D 50 -13.54 29.58 22.12
N ILE D 51 -13.86 28.33 21.75
CA ILE D 51 -13.22 27.73 20.57
C ILE D 51 -13.62 28.49 19.32
N ALA D 52 -14.91 28.84 19.19
CA ALA D 52 -15.36 29.60 18.03
C ALA D 52 -14.68 30.96 17.97
N THR D 53 -14.54 31.63 19.12
CA THR D 53 -13.84 32.90 19.17
C THR D 53 -12.44 32.76 18.58
N SER D 54 -11.65 31.80 19.09
CA SER D 54 -10.26 31.66 18.67
C SER D 54 -10.18 31.31 17.20
N LEU D 55 -11.09 30.45 16.72
CA LEU D 55 -11.14 30.09 15.30
C LEU D 55 -11.27 31.34 14.42
N PHE D 56 -12.31 32.13 14.67
CA PHE D 56 -12.60 33.25 13.79
C PHE D 56 -11.65 34.42 13.98
N GLU D 57 -10.78 34.38 14.99
CA GLU D 57 -9.77 35.43 15.09
C GLU D 57 -8.79 35.41 13.92
N SER D 58 -8.78 34.36 13.11
CA SER D 58 -7.94 34.33 11.92
C SER D 58 -8.74 34.27 10.62
N GLY D 59 -10.01 34.66 10.65
CA GLY D 59 -10.82 34.78 9.45
C GLY D 59 -12.02 33.84 9.46
N ILE D 60 -12.91 34.06 8.49
CA ILE D 60 -14.06 33.20 8.30
C ILE D 60 -14.21 32.83 6.82
N ASN D 61 -14.58 31.58 6.57
CA ASN D 61 -14.98 31.10 5.26
C ASN D 61 -15.91 29.91 5.49
N TRP D 62 -16.56 29.43 4.43
CA TRP D 62 -17.53 28.37 4.65
C TRP D 62 -16.87 27.11 5.22
N GLY D 63 -15.62 26.82 4.86
CA GLY D 63 -14.97 25.64 5.40
C GLY D 63 -14.83 25.72 6.92
N ARG D 64 -14.44 26.90 7.41
CA ARG D 64 -14.29 27.11 8.86
C ARG D 64 -15.63 26.96 9.57
N VAL D 65 -16.68 27.58 9.02
CA VAL D 65 -17.99 27.48 9.65
C VAL D 65 -18.45 26.03 9.73
N VAL D 66 -18.31 25.27 8.63
CA VAL D 66 -18.84 23.89 8.67
C VAL D 66 -17.95 23.00 9.54
N ALA D 67 -16.63 23.26 9.60
CA ALA D 67 -15.80 22.53 10.55
C ALA D 67 -16.24 22.81 11.98
N LEU D 68 -16.53 24.06 12.29
CA LEU D 68 -17.00 24.39 13.64
C LEU D 68 -18.31 23.69 13.95
N LEU D 69 -19.25 23.72 13.00
CA LEU D 69 -20.55 23.06 13.21
C LEU D 69 -20.38 21.55 13.37
N GLY D 70 -19.50 20.93 12.57
CA GLY D 70 -19.25 19.50 12.73
C GLY D 70 -18.59 19.19 14.06
N PHE D 71 -17.62 20.01 14.46
CA PHE D 71 -17.03 19.79 15.78
C PHE D 71 -18.06 19.97 16.88
N GLY D 72 -18.90 21.01 16.77
CA GLY D 72 -19.90 21.25 17.80
C GLY D 72 -20.88 20.10 17.96
N TYR D 73 -21.30 19.50 16.84
CA TYR D 73 -22.09 18.28 16.93
C TYR D 73 -21.33 17.16 17.62
N ARG D 74 -20.04 16.97 17.28
CA ARG D 74 -19.29 15.91 17.93
C ARG D 74 -19.08 16.19 19.42
N LEU D 75 -18.98 17.47 19.77
CA LEU D 75 -18.83 17.86 21.18
C LEU D 75 -20.10 17.56 21.96
N ALA D 76 -21.26 17.96 21.43
CA ALA D 76 -22.53 17.69 22.08
C ALA D 76 -22.77 16.19 22.18
N LEU D 77 -22.57 15.47 21.08
CA LEU D 77 -22.73 14.02 21.11
C LEU D 77 -21.84 13.38 22.17
N HIS D 78 -20.61 13.85 22.28
CA HIS D 78 -19.66 13.31 23.26
C HIS D 78 -20.20 13.47 24.67
N VAL D 79 -20.73 14.65 25.00
CA VAL D 79 -21.27 14.86 26.33
C VAL D 79 -22.56 14.06 26.50
N TYR D 80 -23.42 14.05 25.48
CA TYR D 80 -24.65 13.28 25.59
C TYR D 80 -24.38 11.81 25.87
N GLN D 81 -23.38 11.22 25.20
CA GLN D 81 -23.07 9.81 25.39
C GLN D 81 -22.22 9.57 26.63
N HIS D 82 -21.54 10.61 27.13
CA HIS D 82 -20.76 10.54 28.35
C HIS D 82 -21.10 11.72 29.24
N GLY D 83 -20.16 12.65 29.40
CA GLY D 83 -20.49 14.01 29.80
C GLY D 83 -20.82 14.16 31.26
N LEU D 84 -21.97 14.76 31.54
CA LEU D 84 -22.36 15.10 32.90
C LEU D 84 -23.89 15.07 33.08
N SER E 5 -17.99 -7.10 -6.95
CA SER E 5 -19.14 -6.21 -7.09
C SER E 5 -19.16 -5.17 -5.99
N SER E 6 -19.14 -5.64 -4.73
CA SER E 6 -19.06 -4.72 -3.60
C SER E 6 -17.64 -4.22 -3.41
N THR E 7 -16.64 -5.08 -3.55
CA THR E 7 -15.28 -4.57 -3.54
C THR E 7 -14.93 -3.88 -4.85
N MET E 8 -15.59 -4.24 -5.97
CA MET E 8 -15.45 -3.44 -7.19
C MET E 8 -15.91 -2.01 -6.94
N GLY E 9 -17.05 -1.85 -6.26
CA GLY E 9 -17.52 -0.52 -5.93
C GLY E 9 -16.50 0.25 -5.11
N GLN E 10 -15.95 -0.39 -4.08
CA GLN E 10 -15.03 0.29 -3.18
C GLN E 10 -13.75 0.72 -3.90
N VAL E 11 -13.24 -0.12 -4.78
CA VAL E 11 -12.05 0.27 -5.52
C VAL E 11 -12.36 1.44 -6.45
N GLY E 12 -13.55 1.40 -7.08
CA GLY E 12 -13.92 2.51 -7.95
C GLY E 12 -14.03 3.83 -7.21
N ARG E 13 -14.58 3.81 -5.99
CA ARG E 13 -14.68 5.04 -5.20
C ARG E 13 -13.32 5.52 -4.70
N GLN E 14 -12.39 4.59 -4.43
CA GLN E 14 -11.05 5.00 -4.05
C GLN E 14 -10.33 5.66 -5.23
N LEU E 15 -10.57 5.15 -6.45
CA LEU E 15 -10.04 5.79 -7.64
C LEU E 15 -10.69 7.14 -7.88
N ALA E 16 -11.98 7.28 -7.54
CA ALA E 16 -12.62 8.58 -7.63
C ALA E 16 -11.91 9.60 -6.76
N ILE E 17 -11.56 9.18 -5.55
CA ILE E 17 -10.86 10.07 -4.61
C ILE E 17 -9.49 10.43 -5.15
N ILE E 18 -8.75 9.44 -5.61
CA ILE E 18 -7.43 9.67 -6.20
C ILE E 18 -7.56 10.57 -7.42
N GLY E 19 -8.55 10.30 -8.27
CA GLY E 19 -8.78 11.13 -9.45
C GLY E 19 -9.06 12.58 -9.09
N ASP E 20 -9.93 12.81 -8.10
CA ASP E 20 -10.24 14.17 -7.69
C ASP E 20 -9.04 14.86 -7.08
N ASP E 21 -8.18 14.09 -6.40
CA ASP E 21 -6.95 14.63 -5.84
C ASP E 21 -5.96 15.01 -6.94
N ILE E 22 -5.84 14.18 -7.96
CA ILE E 22 -4.97 14.53 -9.07
C ILE E 22 -5.49 15.80 -9.75
N ASN E 23 -6.79 15.86 -9.99
CA ASN E 23 -7.39 17.05 -10.59
C ASN E 23 -7.11 18.27 -9.70
N ARG E 24 -7.34 18.11 -8.39
CA ARG E 24 -7.16 19.20 -7.43
C ARG E 24 -5.71 19.69 -7.40
N ARG E 25 -4.77 18.77 -7.44
CA ARG E 25 -3.37 19.15 -7.23
C ARG E 25 -2.74 19.78 -8.46
N TYR E 26 -3.15 19.37 -9.65
CA TYR E 26 -2.38 19.72 -10.85
C TYR E 26 -3.15 20.51 -11.90
N ASP E 27 -4.48 20.62 -11.83
CA ASP E 27 -5.17 21.32 -12.90
C ASP E 27 -4.68 22.77 -13.04
N SER E 28 -4.59 23.50 -11.93
CA SER E 28 -4.10 24.88 -12.02
C SER E 28 -2.68 24.95 -12.53
N GLU E 29 -1.83 23.98 -12.18
CA GLU E 29 -0.49 23.94 -12.74
C GLU E 29 -0.52 23.78 -14.25
N PHE E 30 -1.41 22.92 -14.76
CA PHE E 30 -1.55 22.80 -16.21
C PHE E 30 -2.01 24.11 -16.82
N GLN E 31 -2.95 24.77 -16.15
CA GLN E 31 -3.43 26.05 -16.65
C GLN E 31 -2.28 27.02 -16.80
N THR E 32 -1.43 27.08 -15.78
CA THR E 32 -0.33 28.02 -15.79
C THR E 32 0.68 27.69 -16.89
N MET E 33 0.97 26.39 -17.08
CA MET E 33 1.79 25.98 -18.23
C MET E 33 1.19 26.49 -19.54
N LEU E 34 -0.09 26.25 -19.77
CA LEU E 34 -0.70 26.64 -21.04
C LEU E 34 -0.63 28.15 -21.23
N GLN E 35 -0.78 28.90 -20.14
CA GLN E 35 -0.67 30.35 -20.21
C GLN E 35 0.73 30.80 -20.56
N HIS E 36 1.75 30.16 -19.97
CA HIS E 36 3.13 30.48 -20.34
C HIS E 36 3.41 30.09 -21.78
N LEU E 37 2.90 28.93 -22.22
CA LEU E 37 3.20 28.41 -23.55
C LEU E 37 2.50 29.21 -24.64
N GLN E 38 1.31 29.73 -24.37
CA GLN E 38 0.49 30.41 -25.36
C GLN E 38 0.32 29.56 -26.63
N PRO E 39 -0.23 28.35 -26.51
CA PRO E 39 -0.36 27.47 -27.67
C PRO E 39 -1.41 27.96 -28.66
N THR E 40 -1.19 27.65 -29.93
CA THR E 40 -2.16 27.91 -30.99
C THR E 40 -2.52 26.60 -31.66
N ALA E 41 -3.53 26.66 -32.53
CA ALA E 41 -3.85 25.50 -33.36
C ALA E 41 -2.62 25.00 -34.12
N GLU E 42 -1.80 25.93 -34.61
CA GLU E 42 -0.76 25.60 -35.56
C GLU E 42 0.53 25.12 -34.92
N ASN E 43 0.73 25.35 -33.62
CA ASN E 43 1.94 24.85 -32.96
C ASN E 43 1.67 23.88 -31.83
N ALA E 44 0.40 23.53 -31.57
CA ALA E 44 0.08 22.75 -30.37
C ALA E 44 0.74 21.37 -30.41
N TYR E 45 0.67 20.68 -31.55
CA TYR E 45 1.22 19.33 -31.62
C TYR E 45 2.75 19.35 -31.58
N GLU E 46 3.37 20.35 -32.22
CA GLU E 46 4.83 20.44 -32.16
C GLU E 46 5.27 20.78 -30.75
N TYR E 47 4.50 21.61 -30.06
CA TYR E 47 4.76 21.90 -28.65
C TYR E 47 4.62 20.64 -27.81
N PHE E 48 3.56 19.86 -28.03
CA PHE E 48 3.36 18.66 -27.23
C PHE E 48 4.52 17.67 -27.41
N THR E 49 5.01 17.53 -28.64
CA THR E 49 6.07 16.56 -28.90
C THR E 49 7.38 17.00 -28.25
N LYS E 50 7.67 18.29 -28.25
CA LYS E 50 8.89 18.77 -27.60
C LYS E 50 8.76 18.67 -26.08
N ILE E 51 7.60 19.07 -25.54
CA ILE E 51 7.30 18.88 -24.12
C ILE E 51 7.52 17.42 -23.72
N ALA E 52 6.98 16.49 -24.51
CA ALA E 52 7.07 15.08 -24.17
C ALA E 52 8.51 14.60 -24.18
N THR E 53 9.27 14.96 -25.22
CA THR E 53 10.68 14.62 -25.27
C THR E 53 11.39 15.10 -24.02
N SER E 54 11.10 16.32 -23.59
CA SER E 54 11.75 16.87 -22.41
C SER E 54 11.37 16.08 -21.16
N LEU E 55 10.12 15.67 -21.05
CA LEU E 55 9.66 14.96 -19.87
C LEU E 55 10.35 13.61 -19.74
N PHE E 56 10.43 12.85 -20.83
CA PHE E 56 10.94 11.50 -20.70
C PHE E 56 12.46 11.46 -20.73
N GLU E 57 13.10 12.59 -20.97
CA GLU E 57 14.56 12.63 -20.87
C GLU E 57 15.04 12.16 -19.51
N SER E 58 14.22 12.32 -18.47
CA SER E 58 14.62 11.94 -17.12
C SER E 58 13.98 10.63 -16.67
N GLY E 59 13.33 9.90 -17.58
CA GLY E 59 12.81 8.58 -17.30
C GLY E 59 11.32 8.48 -17.57
N ILE E 60 10.76 7.32 -17.21
CA ILE E 60 9.34 7.03 -17.46
C ILE E 60 8.83 6.15 -16.34
N ASN E 61 7.61 6.47 -15.89
CA ASN E 61 6.83 5.59 -15.03
C ASN E 61 5.36 5.89 -15.35
N TRP E 62 4.44 5.16 -14.72
CA TRP E 62 3.04 5.34 -15.08
C TRP E 62 2.55 6.72 -14.68
N GLY E 63 3.10 7.30 -13.60
CA GLY E 63 2.70 8.64 -13.22
C GLY E 63 3.08 9.68 -14.25
N ARG E 64 4.32 9.60 -14.76
CA ARG E 64 4.74 10.48 -15.86
C ARG E 64 3.84 10.34 -17.07
N VAL E 65 3.48 9.12 -17.46
CA VAL E 65 2.66 8.98 -18.65
C VAL E 65 1.27 9.56 -18.40
N VAL E 66 0.68 9.29 -17.22
CA VAL E 66 -0.66 9.83 -17.00
C VAL E 66 -0.63 11.34 -16.86
N ALA E 67 0.45 11.92 -16.31
CA ALA E 67 0.55 13.36 -16.29
C ALA E 67 0.60 13.93 -17.71
N LEU E 68 1.36 13.28 -18.61
CA LEU E 68 1.42 13.79 -19.97
C LEU E 68 0.06 13.68 -20.66
N LEU E 69 -0.62 12.55 -20.49
CA LEU E 69 -1.95 12.37 -21.07
C LEU E 69 -2.90 13.43 -20.57
N GLY E 70 -2.85 13.74 -19.27
CA GLY E 70 -3.77 14.74 -18.76
C GLY E 70 -3.49 16.10 -19.34
N PHE E 71 -2.20 16.43 -19.48
CA PHE E 71 -1.78 17.70 -20.06
C PHE E 71 -2.14 17.79 -21.55
N GLY E 72 -1.92 16.72 -22.30
CA GLY E 72 -2.35 16.69 -23.69
C GLY E 72 -3.81 16.97 -23.85
N TYR E 73 -4.64 16.39 -22.97
CA TYR E 73 -6.06 16.68 -22.99
C TYR E 73 -6.33 18.16 -22.72
N ARG E 74 -5.77 18.71 -21.64
CA ARG E 74 -5.95 20.14 -21.37
C ARG E 74 -5.42 20.98 -22.52
N LEU E 75 -4.26 20.60 -23.06
CA LEU E 75 -3.71 21.29 -24.21
C LEU E 75 -4.66 21.25 -25.39
N ALA E 76 -5.17 20.06 -25.72
CA ALA E 76 -6.11 19.95 -26.84
C ALA E 76 -7.33 20.84 -26.60
N LEU E 77 -7.88 20.76 -25.40
CA LEU E 77 -9.11 21.48 -25.11
C LEU E 77 -8.89 22.99 -25.19
N HIS E 78 -7.77 23.47 -24.64
CA HIS E 78 -7.50 24.89 -24.60
C HIS E 78 -7.37 25.45 -26.02
N VAL E 79 -6.58 24.79 -26.87
CA VAL E 79 -6.45 25.19 -28.27
C VAL E 79 -7.82 25.22 -28.94
N TYR E 80 -8.58 24.15 -28.73
CA TYR E 80 -9.88 24.02 -29.38
C TYR E 80 -10.80 25.16 -28.99
N GLN E 81 -10.90 25.43 -27.69
CA GLN E 81 -11.92 26.36 -27.21
C GLN E 81 -11.56 27.81 -27.49
N HIS E 82 -10.28 28.16 -27.49
CA HIS E 82 -9.88 29.54 -27.73
C HIS E 82 -9.67 29.85 -29.21
N GLY E 83 -9.79 28.85 -30.07
CA GLY E 83 -9.94 29.07 -31.50
C GLY E 83 -11.38 29.11 -31.94
N LEU E 84 -12.32 28.81 -31.05
CA LEU E 84 -13.75 28.90 -31.34
C LEU E 84 -14.22 30.34 -31.19
N SER F 6 12.63 25.24 -24.63
CA SER F 6 12.88 26.27 -23.62
C SER F 6 11.72 26.31 -22.64
N THR F 7 10.73 27.17 -22.90
CA THR F 7 9.46 27.04 -22.21
C THR F 7 8.93 25.62 -22.35
N MET F 8 9.04 25.03 -23.55
CA MET F 8 8.70 23.63 -23.76
C MET F 8 9.52 22.71 -22.85
N GLY F 9 10.84 22.93 -22.80
CA GLY F 9 11.67 22.10 -21.96
C GLY F 9 11.34 22.25 -20.49
N GLN F 10 11.01 23.49 -20.08
CA GLN F 10 10.62 23.73 -18.69
C GLN F 10 9.29 23.06 -18.36
N VAL F 11 8.31 23.13 -19.25
CA VAL F 11 7.02 22.47 -18.98
C VAL F 11 7.21 20.94 -18.92
N GLY F 12 8.05 20.39 -19.80
CA GLY F 12 8.30 18.96 -19.74
C GLY F 12 8.95 18.54 -18.43
N ARG F 13 9.88 19.36 -17.92
CA ARG F 13 10.51 18.99 -16.66
C ARG F 13 9.52 19.12 -15.51
N GLN F 14 8.63 20.10 -15.55
CA GLN F 14 7.66 20.17 -14.46
C GLN F 14 6.65 19.06 -14.53
N LEU F 15 6.29 18.61 -15.73
CA LEU F 15 5.45 17.41 -15.83
C LEU F 15 6.18 16.18 -15.33
N ALA F 16 7.51 16.16 -15.42
CA ALA F 16 8.25 15.01 -14.91
C ALA F 16 8.18 14.95 -13.40
N ILE F 17 8.25 16.10 -12.74
CA ILE F 17 8.13 16.15 -11.30
C ILE F 17 6.70 15.84 -10.86
N ILE F 18 5.72 16.38 -11.60
CA ILE F 18 4.32 16.06 -11.31
C ILE F 18 4.06 14.57 -11.45
N GLY F 19 4.59 13.95 -12.52
CA GLY F 19 4.37 12.52 -12.71
C GLY F 19 5.00 11.67 -11.63
N ASP F 20 6.24 12.01 -11.25
CA ASP F 20 6.90 11.36 -10.13
C ASP F 20 6.15 11.55 -8.81
N ASP F 21 5.59 12.74 -8.59
CA ASP F 21 4.73 12.98 -7.43
C ASP F 21 3.48 12.09 -7.47
N ILE F 22 2.81 12.04 -8.61
CA ILE F 22 1.69 11.09 -8.77
C ILE F 22 2.16 9.67 -8.47
N ASN F 23 3.27 9.26 -9.08
CA ASN F 23 3.80 7.92 -8.85
C ASN F 23 3.98 7.66 -7.36
N ARG F 24 4.65 8.58 -6.65
CA ARG F 24 4.92 8.36 -5.23
C ARG F 24 3.66 8.37 -4.38
N ARG F 25 2.72 9.28 -4.68
CA ARG F 25 1.55 9.45 -3.81
C ARG F 25 0.61 8.24 -3.86
N TYR F 26 0.43 7.64 -5.03
CA TYR F 26 -0.64 6.66 -5.23
C TYR F 26 -0.18 5.26 -5.58
N ASP F 27 1.11 5.03 -5.85
CA ASP F 27 1.47 3.68 -6.32
C ASP F 27 1.24 2.62 -5.24
N SER F 28 1.53 2.96 -3.96
CA SER F 28 1.31 1.98 -2.91
C SER F 28 -0.19 1.77 -2.64
N GLU F 29 -1.01 2.79 -2.92
CA GLU F 29 -2.45 2.61 -2.88
C GLU F 29 -2.92 1.66 -4.00
N PHE F 30 -2.44 1.85 -5.23
CA PHE F 30 -2.73 0.89 -6.28
C PHE F 30 -2.26 -0.52 -5.90
N GLN F 31 -1.05 -0.62 -5.36
CA GLN F 31 -0.50 -1.93 -4.98
C GLN F 31 -1.40 -2.63 -3.98
N THR F 32 -1.88 -1.90 -2.96
CA THR F 32 -2.79 -2.50 -1.99
C THR F 32 -4.14 -2.87 -2.63
N MET F 33 -4.68 -2.01 -3.48
CA MET F 33 -5.93 -2.32 -4.16
C MET F 33 -5.81 -3.61 -4.94
N LEU F 34 -4.70 -3.79 -5.66
CA LEU F 34 -4.51 -5.00 -6.44
C LEU F 34 -4.36 -6.23 -5.55
N GLN F 35 -3.63 -6.09 -4.42
CA GLN F 35 -3.49 -7.21 -3.49
C GLN F 35 -4.83 -7.60 -2.89
N HIS F 36 -5.76 -6.66 -2.76
CA HIS F 36 -7.10 -6.97 -2.28
C HIS F 36 -7.99 -7.56 -3.36
N LEU F 37 -7.65 -7.34 -4.64
CA LEU F 37 -8.55 -7.73 -5.71
C LEU F 37 -8.37 -9.18 -6.13
N GLN F 38 -7.13 -9.66 -6.17
CA GLN F 38 -6.76 -10.95 -6.75
C GLN F 38 -7.17 -11.00 -8.22
N PRO F 39 -6.71 -10.08 -9.04
CA PRO F 39 -7.07 -10.11 -10.46
C PRO F 39 -6.34 -11.21 -11.20
N THR F 40 -7.01 -11.75 -12.22
CA THR F 40 -6.43 -12.78 -13.08
C THR F 40 -6.74 -12.40 -14.52
N ALA F 41 -6.15 -13.13 -15.47
CA ALA F 41 -6.54 -12.96 -16.86
C ALA F 41 -8.01 -13.25 -17.05
N GLU F 42 -8.55 -14.21 -16.28
CA GLU F 42 -9.95 -14.61 -16.41
C GLU F 42 -10.90 -13.48 -16.01
N ASN F 43 -10.54 -12.70 -14.99
CA ASN F 43 -11.50 -11.72 -14.48
C ASN F 43 -11.10 -10.26 -14.70
N ALA F 44 -9.92 -9.99 -15.28
CA ALA F 44 -9.40 -8.62 -15.27
C ALA F 44 -10.28 -7.65 -16.04
N TYR F 45 -10.90 -8.09 -17.13
CA TYR F 45 -11.78 -7.18 -17.87
C TYR F 45 -13.07 -6.90 -17.09
N GLU F 46 -13.68 -7.94 -16.52
CA GLU F 46 -14.85 -7.72 -15.67
C GLU F 46 -14.53 -6.75 -14.54
N TYR F 47 -13.38 -6.96 -13.88
CA TYR F 47 -13.00 -6.09 -12.76
C TYR F 47 -12.79 -4.67 -13.23
N PHE F 48 -12.07 -4.48 -14.34
CA PHE F 48 -11.78 -3.12 -14.79
C PHE F 48 -13.08 -2.36 -15.12
N THR F 49 -13.99 -3.00 -15.85
CA THR F 49 -15.21 -2.30 -16.25
C THR F 49 -16.13 -2.03 -15.06
N LYS F 50 -16.19 -2.96 -14.09
CA LYS F 50 -17.01 -2.69 -12.90
C LYS F 50 -16.36 -1.62 -12.03
N ILE F 51 -15.03 -1.60 -11.94
CA ILE F 51 -14.37 -0.52 -11.20
C ILE F 51 -14.59 0.82 -11.88
N ALA F 52 -14.46 0.86 -13.22
CA ALA F 52 -14.71 2.10 -13.96
C ALA F 52 -16.15 2.57 -13.78
N THR F 53 -17.10 1.63 -13.79
CA THR F 53 -18.49 1.99 -13.60
C THR F 53 -18.70 2.66 -12.26
N SER F 54 -18.16 2.06 -11.19
CA SER F 54 -18.29 2.65 -9.84
C SER F 54 -17.61 4.00 -9.76
N LEU F 55 -16.44 4.13 -10.38
CA LEU F 55 -15.73 5.40 -10.46
C LEU F 55 -16.60 6.51 -11.01
N PHE F 56 -17.09 6.33 -12.24
CA PHE F 56 -17.74 7.42 -12.96
C PHE F 56 -19.17 7.67 -12.47
N GLU F 57 -19.68 6.85 -11.56
CA GLU F 57 -20.98 7.10 -10.96
C GLU F 57 -21.01 8.41 -10.21
N SER F 58 -19.84 8.94 -9.82
CA SER F 58 -19.78 10.22 -9.13
C SER F 58 -19.18 11.32 -10.00
N GLY F 59 -19.08 11.10 -11.31
CA GLY F 59 -18.65 12.14 -12.23
C GLY F 59 -17.36 11.80 -12.97
N ILE F 60 -17.00 12.68 -13.90
CA ILE F 60 -15.83 12.45 -14.74
C ILE F 60 -15.06 13.75 -14.91
N ASN F 61 -13.75 13.68 -14.69
CA ASN F 61 -12.84 14.77 -15.03
C ASN F 61 -11.54 14.11 -15.49
N TRP F 62 -10.60 14.91 -15.99
CA TRP F 62 -9.43 14.28 -16.57
C TRP F 62 -8.63 13.55 -15.50
N GLY F 63 -8.70 14.01 -14.25
CA GLY F 63 -7.98 13.33 -13.18
C GLY F 63 -8.50 11.93 -12.93
N ARG F 64 -9.82 11.78 -12.88
CA ARG F 64 -10.41 10.44 -12.72
C ARG F 64 -10.09 9.55 -13.91
N VAL F 65 -10.14 10.10 -15.12
CA VAL F 65 -9.83 9.26 -16.28
C VAL F 65 -8.38 8.77 -16.22
N VAL F 66 -7.44 9.69 -15.99
CA VAL F 66 -6.05 9.22 -16.03
C VAL F 66 -5.73 8.37 -14.82
N ALA F 67 -6.40 8.60 -13.68
CA ALA F 67 -6.20 7.67 -12.56
C ALA F 67 -6.67 6.27 -12.94
N LEU F 68 -7.82 6.17 -13.62
CA LEU F 68 -8.32 4.86 -14.08
C LEU F 68 -7.35 4.21 -15.05
N LEU F 69 -6.82 4.99 -15.99
CA LEU F 69 -5.88 4.45 -16.97
C LEU F 69 -4.60 3.96 -16.28
N GLY F 70 -4.09 4.74 -15.32
CA GLY F 70 -2.92 4.29 -14.60
C GLY F 70 -3.21 3.04 -13.79
N PHE F 71 -4.36 3.00 -13.13
CA PHE F 71 -4.73 1.80 -12.41
C PHE F 71 -4.86 0.62 -13.38
N GLY F 72 -5.48 0.84 -14.54
CA GLY F 72 -5.65 -0.26 -15.48
C GLY F 72 -4.33 -0.77 -16.01
N TYR F 73 -3.36 0.12 -16.18
CA TYR F 73 -2.02 -0.34 -16.56
C TYR F 73 -1.41 -1.20 -15.46
N ARG F 74 -1.45 -0.73 -14.22
CA ARG F 74 -0.86 -1.49 -13.12
C ARG F 74 -1.57 -2.83 -12.97
N LEU F 75 -2.88 -2.84 -13.15
CA LEU F 75 -3.66 -4.06 -13.10
C LEU F 75 -3.18 -5.07 -14.14
N ALA F 76 -3.06 -4.65 -15.40
CA ALA F 76 -2.65 -5.57 -16.45
C ALA F 76 -1.20 -6.04 -16.25
N LEU F 77 -0.33 -5.13 -15.78
CA LEU F 77 1.07 -5.51 -15.57
C LEU F 77 1.19 -6.54 -14.45
N HIS F 78 0.39 -6.36 -13.39
CA HIS F 78 0.40 -7.27 -12.25
C HIS F 78 0.01 -8.68 -12.67
N VAL F 79 -1.07 -8.79 -13.46
CA VAL F 79 -1.43 -10.09 -14.03
C VAL F 79 -0.30 -10.64 -14.89
N TYR F 80 0.19 -9.82 -15.82
CA TYR F 80 1.20 -10.27 -16.78
C TYR F 80 2.49 -10.70 -16.08
N GLN F 81 2.98 -9.86 -15.16
CA GLN F 81 4.29 -10.09 -14.56
C GLN F 81 4.30 -11.26 -13.59
N HIS F 82 3.14 -11.71 -13.13
CA HIS F 82 3.06 -12.78 -12.15
C HIS F 82 2.37 -14.03 -12.68
N GLY F 83 2.13 -14.13 -13.99
CA GLY F 83 1.41 -15.27 -14.55
C GLY F 83 0.14 -15.56 -13.79
N LEU F 84 -0.66 -14.50 -13.59
CA LEU F 84 -1.84 -14.45 -12.70
C LEU F 84 -1.39 -14.29 -11.27
N GLY G 4 23.56 -3.76 -4.45
CA GLY G 4 22.69 -3.97 -5.59
C GLY G 4 23.09 -3.21 -6.84
N SER G 5 24.33 -3.42 -7.29
CA SER G 5 24.88 -2.63 -8.39
C SER G 5 24.66 -3.29 -9.74
N SER G 6 25.48 -4.28 -10.09
CA SER G 6 25.39 -4.87 -11.41
C SER G 6 24.05 -5.58 -11.59
N THR G 7 23.56 -5.59 -12.83
CA THR G 7 22.32 -6.28 -13.14
C THR G 7 22.45 -7.77 -12.88
N MET G 8 23.61 -8.34 -13.22
CA MET G 8 23.85 -9.75 -12.91
C MET G 8 23.70 -10.01 -11.42
N GLY G 9 24.17 -9.08 -10.59
CA GLY G 9 24.07 -9.26 -9.15
C GLY G 9 22.63 -9.30 -8.69
N GLN G 10 21.83 -8.34 -9.19
CA GLN G 10 20.42 -8.27 -8.82
C GLN G 10 19.65 -9.50 -9.31
N VAL G 11 19.92 -9.95 -10.52
CA VAL G 11 19.26 -11.15 -11.03
C VAL G 11 19.61 -12.36 -10.17
N GLY G 12 20.88 -12.49 -9.78
CA GLY G 12 21.26 -13.58 -8.89
C GLY G 12 20.49 -13.58 -7.59
N ARG G 13 20.35 -12.41 -6.98
CA ARG G 13 19.57 -12.34 -5.75
C ARG G 13 18.08 -12.58 -5.98
N GLN G 14 17.54 -12.18 -7.14
CA GLN G 14 16.15 -12.53 -7.44
C GLN G 14 15.98 -14.04 -7.62
N LEU G 15 16.95 -14.69 -8.26
CA LEU G 15 16.91 -16.15 -8.34
C LEU G 15 17.06 -16.80 -6.97
N ALA G 16 17.81 -16.16 -6.05
CA ALA G 16 17.89 -16.67 -4.69
C ALA G 16 16.51 -16.70 -4.04
N ILE G 17 15.75 -15.63 -4.19
CA ILE G 17 14.40 -15.58 -3.62
C ILE G 17 13.50 -16.64 -4.24
N ILE G 18 13.58 -16.79 -5.57
CA ILE G 18 12.78 -17.79 -6.26
C ILE G 18 13.17 -19.20 -5.80
N GLY G 19 14.48 -19.48 -5.75
CA GLY G 19 14.93 -20.77 -5.24
C GLY G 19 14.48 -21.06 -3.81
N ASP G 20 14.60 -20.07 -2.91
CA ASP G 20 14.08 -20.28 -1.56
C ASP G 20 12.57 -20.51 -1.55
N ASP G 21 11.84 -19.88 -2.46
CA ASP G 21 10.40 -20.07 -2.52
C ASP G 21 10.06 -21.47 -3.01
N ILE G 22 10.76 -21.94 -4.05
CA ILE G 22 10.57 -23.32 -4.48
C ILE G 22 10.89 -24.30 -3.35
N ASN G 23 12.01 -24.07 -2.66
CA ASN G 23 12.38 -24.89 -1.50
C ASN G 23 11.26 -24.89 -0.45
N ARG G 24 10.78 -23.70 -0.10
CA ARG G 24 9.75 -23.57 0.95
C ARG G 24 8.43 -24.20 0.52
N ARG G 25 8.07 -24.03 -0.74
CA ARG G 25 6.75 -24.45 -1.20
C ARG G 25 6.65 -25.97 -1.34
N TYR G 26 7.73 -26.62 -1.77
CA TYR G 26 7.58 -28.02 -2.19
C TYR G 26 8.39 -29.04 -1.40
N ASP G 27 9.34 -28.62 -0.56
CA ASP G 27 10.23 -29.60 0.08
C ASP G 27 9.45 -30.55 0.98
N SER G 28 8.51 -30.03 1.77
CA SER G 28 7.68 -30.89 2.61
C SER G 28 6.82 -31.84 1.77
N GLU G 29 6.34 -31.38 0.62
CA GLU G 29 5.57 -32.26 -0.25
C GLU G 29 6.44 -33.40 -0.77
N PHE G 30 7.69 -33.09 -1.16
CA PHE G 30 8.61 -34.15 -1.56
C PHE G 30 8.84 -35.15 -0.43
N GLN G 31 9.02 -34.64 0.78
CA GLN G 31 9.19 -35.53 1.93
C GLN G 31 7.98 -36.43 2.13
N THR G 32 6.78 -35.87 1.94
CA THR G 32 5.57 -36.68 2.10
C THR G 32 5.47 -37.74 1.01
N MET G 33 5.83 -37.38 -0.22
N MET G 33 5.77 -37.36 -0.24
CA MET G 33 5.76 -38.35 -1.31
CA MET G 33 5.81 -38.34 -1.33
C MET G 33 6.82 -39.45 -1.17
C MET G 33 6.74 -39.49 -1.01
N LEU G 34 7.94 -39.16 -0.52
CA LEU G 34 8.92 -40.20 -0.21
C LEU G 34 8.45 -41.07 0.95
N GLN G 35 7.82 -40.47 1.95
CA GLN G 35 7.27 -41.26 3.04
C GLN G 35 6.19 -42.21 2.54
N HIS G 36 5.38 -41.74 1.58
CA HIS G 36 4.35 -42.60 1.01
C HIS G 36 4.93 -43.67 0.09
N LEU G 37 6.06 -43.38 -0.56
CA LEU G 37 6.66 -44.35 -1.49
C LEU G 37 7.51 -45.38 -0.78
N GLN G 38 8.10 -45.04 0.37
CA GLN G 38 9.03 -45.89 1.08
C GLN G 38 10.10 -46.50 0.16
N PRO G 39 10.80 -45.68 -0.63
CA PRO G 39 11.76 -46.24 -1.58
C PRO G 39 12.97 -46.82 -0.87
N THR G 40 13.62 -47.75 -1.55
CA THR G 40 14.84 -48.40 -1.09
C THR G 40 15.93 -48.21 -2.13
N ALA G 41 17.13 -48.70 -1.81
CA ALA G 41 18.23 -48.61 -2.78
C ALA G 41 17.95 -49.49 -3.99
N GLU G 42 17.17 -50.55 -3.82
CA GLU G 42 16.91 -51.48 -4.90
C GLU G 42 15.85 -50.94 -5.86
N ASN G 43 14.78 -50.36 -5.33
CA ASN G 43 13.66 -49.93 -6.16
C ASN G 43 13.72 -48.46 -6.57
N ALA G 44 14.74 -47.71 -6.11
CA ALA G 44 14.69 -46.26 -6.23
C ALA G 44 14.67 -45.80 -7.68
N TYR G 45 15.59 -46.35 -8.50
CA TYR G 45 15.63 -45.97 -9.91
C TYR G 45 14.34 -46.37 -10.62
N GLU G 46 13.88 -47.59 -10.38
CA GLU G 46 12.64 -48.06 -11.00
C GLU G 46 11.47 -47.17 -10.64
N TYR G 47 11.37 -46.74 -9.37
CA TYR G 47 10.32 -45.82 -8.99
C TYR G 47 10.45 -44.49 -9.72
N PHE G 48 11.68 -43.97 -9.80
CA PHE G 48 11.90 -42.67 -10.44
C PHE G 48 11.44 -42.67 -11.89
N THR G 49 11.78 -43.71 -12.64
CA THR G 49 11.40 -43.74 -14.05
C THR G 49 9.90 -43.88 -14.22
N LYS G 50 9.24 -44.65 -13.34
CA LYS G 50 7.78 -44.75 -13.40
C LYS G 50 7.13 -43.43 -13.00
N ILE G 51 7.73 -42.73 -12.03
CA ILE G 51 7.20 -41.42 -11.66
C ILE G 51 7.40 -40.44 -12.80
N ALA G 52 8.58 -40.47 -13.43
CA ALA G 52 8.85 -39.61 -14.58
C ALA G 52 7.85 -39.86 -15.70
N THR G 53 7.55 -41.13 -15.98
CA THR G 53 6.61 -41.43 -17.05
C THR G 53 5.20 -40.95 -16.73
N SER G 54 4.75 -41.19 -15.48
CA SER G 54 3.47 -40.63 -15.05
C SER G 54 3.43 -39.12 -15.24
N LEU G 55 4.50 -38.44 -14.83
CA LEU G 55 4.53 -36.98 -14.86
C LEU G 55 4.41 -36.44 -16.27
N PHE G 56 5.24 -36.93 -17.20
CA PHE G 56 5.30 -36.31 -18.52
C PHE G 56 4.18 -36.79 -19.44
N GLU G 57 3.31 -37.68 -18.96
CA GLU G 57 2.13 -38.05 -19.73
C GLU G 57 1.31 -36.82 -20.09
N SER G 58 1.23 -35.85 -19.19
CA SER G 58 0.41 -34.66 -19.43
C SER G 58 1.21 -33.50 -20.01
N GLY G 59 2.44 -33.74 -20.44
CA GLY G 59 3.20 -32.74 -21.15
C GLY G 59 4.51 -32.43 -20.46
N ILE G 60 5.21 -31.45 -21.02
CA ILE G 60 6.53 -31.06 -20.53
C ILE G 60 6.66 -29.54 -20.60
N ASN G 61 7.33 -28.96 -19.61
CA ASN G 61 7.82 -27.59 -19.64
C ASN G 61 8.98 -27.53 -18.66
N TRP G 62 9.67 -26.39 -18.60
CA TRP G 62 10.86 -26.34 -17.75
C TRP G 62 10.50 -26.51 -16.28
N GLY G 63 9.30 -26.10 -15.88
CA GLY G 63 8.92 -26.27 -14.48
C GLY G 63 8.76 -27.72 -14.09
N ARG G 64 8.11 -28.50 -14.94
CA ARG G 64 8.01 -29.95 -14.73
C ARG G 64 9.39 -30.61 -14.68
N VAL G 65 10.31 -30.20 -15.56
CA VAL G 65 11.66 -30.78 -15.55
C VAL G 65 12.36 -30.45 -14.24
N VAL G 66 12.33 -29.18 -13.82
CA VAL G 66 13.07 -28.84 -12.61
C VAL G 66 12.39 -29.40 -11.38
N ALA G 67 11.07 -29.61 -11.41
CA ALA G 67 10.43 -30.32 -10.30
C ALA G 67 10.92 -31.77 -10.25
N LEU G 68 11.03 -32.43 -11.41
CA LEU G 68 11.51 -33.80 -11.40
C LEU G 68 12.95 -33.88 -10.91
N LEU G 69 13.82 -32.95 -11.37
CA LEU G 69 15.20 -32.92 -10.90
C LEU G 69 15.28 -32.73 -9.40
N GLY G 70 14.51 -31.77 -8.87
CA GLY G 70 14.50 -31.56 -7.43
C GLY G 70 14.01 -32.77 -6.67
N PHE G 71 12.96 -33.44 -7.20
CA PHE G 71 12.49 -34.66 -6.54
C PHE G 71 13.53 -35.79 -6.61
N GLY G 72 14.19 -35.95 -7.76
CA GLY G 72 15.19 -37.00 -7.89
C GLY G 72 16.36 -36.82 -6.95
N TYR G 73 16.77 -35.55 -6.73
CA TYR G 73 17.76 -35.24 -5.71
C TYR G 73 17.29 -35.65 -4.32
N ARG G 74 16.08 -35.23 -3.94
CA ARG G 74 15.55 -35.64 -2.64
C ARG G 74 15.47 -37.15 -2.54
N LEU G 75 15.06 -37.81 -3.62
CA LEU G 75 14.95 -39.27 -3.61
C LEU G 75 16.31 -39.95 -3.42
N ALA G 76 17.28 -39.58 -4.25
CA ALA G 76 18.66 -40.06 -4.10
C ALA G 76 19.15 -39.86 -2.67
N LEU G 77 18.98 -38.65 -2.13
CA LEU G 77 19.53 -38.35 -0.82
C LEU G 77 18.82 -39.14 0.27
N HIS G 78 17.50 -39.32 0.14
CA HIS G 78 16.73 -40.06 1.13
C HIS G 78 17.21 -41.51 1.22
N VAL G 79 17.33 -42.17 0.07
CA VAL G 79 17.74 -43.57 0.05
C VAL G 79 19.16 -43.71 0.57
N TYR G 80 20.03 -42.78 0.20
CA TYR G 80 21.41 -42.79 0.68
C TYR G 80 21.46 -42.71 2.20
N GLN G 81 20.83 -41.68 2.76
CA GLN G 81 20.92 -41.43 4.19
C GLN G 81 20.24 -42.53 5.00
N HIS G 82 18.99 -42.85 4.67
CA HIS G 82 18.25 -43.84 5.44
C HIS G 82 18.84 -45.24 5.32
N GLY G 83 19.84 -45.43 4.46
CA GLY G 83 20.52 -46.70 4.34
C GLY G 83 21.94 -46.73 4.87
N LEU G 84 22.40 -45.67 5.54
CA LEU G 84 23.76 -45.65 6.05
C LEU G 84 23.89 -46.49 7.31
N SER H 6 0.28 -47.59 -8.56
CA SER H 6 -0.63 -46.52 -8.23
C SER H 6 0.11 -45.35 -7.57
N THR H 7 0.76 -45.63 -6.43
CA THR H 7 1.46 -44.58 -5.71
C THR H 7 2.43 -43.82 -6.62
N MET H 8 3.21 -44.56 -7.41
CA MET H 8 4.11 -43.90 -8.36
C MET H 8 3.34 -43.06 -9.36
N GLY H 9 2.15 -43.52 -9.76
CA GLY H 9 1.31 -42.72 -10.63
C GLY H 9 0.83 -41.46 -9.95
N GLN H 10 0.42 -41.55 -8.68
N GLN H 10 0.36 -41.57 -8.70
CA GLN H 10 -0.06 -40.38 -7.96
CA GLN H 10 -0.03 -40.40 -7.93
C GLN H 10 1.08 -39.39 -7.64
C GLN H 10 1.11 -39.40 -7.84
N VAL H 11 2.30 -39.87 -7.48
CA VAL H 11 3.42 -38.95 -7.23
C VAL H 11 3.78 -38.20 -8.50
N GLY H 12 3.80 -38.90 -9.64
CA GLY H 12 4.07 -38.22 -10.91
C GLY H 12 3.03 -37.18 -11.28
N ARG H 13 1.76 -37.45 -10.98
CA ARG H 13 0.75 -36.44 -11.27
C ARG H 13 0.87 -35.26 -10.30
N GLN H 14 1.25 -35.52 -9.06
CA GLN H 14 1.48 -34.40 -8.15
C GLN H 14 2.70 -33.59 -8.58
N LEU H 15 3.73 -34.26 -9.09
CA LEU H 15 4.87 -33.50 -9.60
C LEU H 15 4.51 -32.75 -10.88
N ALA H 16 3.55 -33.26 -11.66
CA ALA H 16 3.08 -32.51 -12.83
C ALA H 16 2.45 -31.19 -12.42
N ILE H 17 1.62 -31.22 -11.39
CA ILE H 17 0.94 -30.02 -10.91
C ILE H 17 1.93 -29.06 -10.29
N ILE H 18 2.89 -29.60 -9.54
CA ILE H 18 3.95 -28.78 -8.95
C ILE H 18 4.78 -28.10 -10.04
N GLY H 19 5.13 -28.84 -11.10
CA GLY H 19 5.93 -28.27 -12.16
C GLY H 19 5.18 -27.20 -12.92
N ASP H 20 3.87 -27.40 -13.16
CA ASP H 20 3.04 -26.37 -13.76
C ASP H 20 2.92 -25.16 -12.83
N ASP H 21 2.90 -25.39 -11.53
CA ASP H 21 2.84 -24.29 -10.57
C ASP H 21 4.12 -23.47 -10.62
N ILE H 22 5.26 -24.17 -10.64
CA ILE H 22 6.56 -23.51 -10.76
C ILE H 22 6.60 -22.68 -12.05
N ASN H 23 6.21 -23.31 -13.16
CA ASN H 23 6.22 -22.65 -14.46
C ASN H 23 5.35 -21.38 -14.44
N ARG H 24 4.13 -21.48 -13.92
CA ARG H 24 3.26 -20.31 -13.87
C ARG H 24 3.81 -19.23 -12.96
N ARG H 25 4.37 -19.61 -11.80
CA ARG H 25 4.74 -18.62 -10.80
C ARG H 25 5.95 -17.80 -11.21
N TYR H 26 6.88 -18.39 -11.98
CA TYR H 26 8.17 -17.77 -12.20
C TYR H 26 8.53 -17.51 -13.65
N ASP H 27 7.84 -18.11 -14.62
CA ASP H 27 8.28 -17.96 -16.00
C ASP H 27 8.24 -16.49 -16.44
N SER H 28 7.20 -15.75 -16.04
CA SER H 28 7.14 -14.34 -16.39
C SER H 28 8.22 -13.52 -15.68
N GLU H 29 8.65 -13.96 -14.49
CA GLU H 29 9.72 -13.26 -13.80
C GLU H 29 11.08 -13.51 -14.46
N PHE H 30 11.32 -14.76 -14.88
CA PHE H 30 12.47 -15.05 -15.74
C PHE H 30 12.49 -14.13 -16.97
N GLN H 31 11.35 -13.98 -17.64
CA GLN H 31 11.31 -13.17 -18.85
C GLN H 31 11.68 -11.71 -18.56
N THR H 32 11.25 -11.19 -17.41
CA THR H 32 11.61 -9.82 -17.04
C THR H 32 13.10 -9.71 -16.72
N MET H 33 13.68 -10.69 -16.02
CA MET H 33 15.12 -10.69 -15.80
C MET H 33 15.87 -10.66 -17.12
N LEU H 34 15.43 -11.46 -18.10
CA LEU H 34 16.13 -11.53 -19.38
C LEU H 34 15.99 -10.23 -20.17
N GLN H 35 14.83 -9.57 -20.07
CA GLN H 35 14.65 -8.26 -20.68
C GLN H 35 15.63 -7.24 -20.11
N HIS H 36 15.88 -7.30 -18.80
CA HIS H 36 16.83 -6.38 -18.16
C HIS H 36 18.28 -6.77 -18.41
N LEU H 37 18.57 -8.03 -18.69
CA LEU H 37 19.96 -8.46 -18.87
C LEU H 37 20.49 -8.08 -20.24
N GLN H 38 19.65 -8.15 -21.27
CA GLN H 38 20.08 -8.02 -22.66
C GLN H 38 21.18 -9.03 -23.01
N PRO H 39 20.93 -10.34 -22.84
CA PRO H 39 21.97 -11.33 -23.12
C PRO H 39 22.15 -11.56 -24.61
N THR H 40 23.41 -11.71 -25.00
CA THR H 40 23.80 -12.05 -26.36
C THR H 40 24.52 -13.39 -26.35
N ALA H 41 24.82 -13.90 -27.56
CA ALA H 41 25.67 -15.09 -27.65
C ALA H 41 27.01 -14.85 -26.99
N GLU H 42 27.60 -13.67 -27.18
CA GLU H 42 28.95 -13.43 -26.71
C GLU H 42 29.05 -13.19 -25.22
N ASN H 43 27.97 -12.79 -24.54
CA ASN H 43 28.09 -12.55 -23.11
C ASN H 43 27.26 -13.53 -22.26
N ALA H 44 26.54 -14.47 -22.88
CA ALA H 44 25.59 -15.28 -22.11
C ALA H 44 26.30 -16.14 -21.06
N TYR H 45 27.44 -16.73 -21.41
CA TYR H 45 28.18 -17.52 -20.42
C TYR H 45 28.68 -16.64 -19.28
N GLU H 46 29.32 -15.51 -19.59
CA GLU H 46 29.72 -14.56 -18.55
C GLU H 46 28.54 -14.21 -17.64
N TYR H 47 27.40 -13.82 -18.23
CA TYR H 47 26.25 -13.43 -17.41
C TYR H 47 25.80 -14.57 -16.53
N PHE H 48 25.75 -15.79 -17.07
CA PHE H 48 25.30 -16.92 -16.28
C PHE H 48 26.21 -17.17 -15.08
N THR H 49 27.53 -17.15 -15.31
CA THR H 49 28.43 -17.47 -14.20
C THR H 49 28.38 -16.39 -13.12
N LYS H 50 28.17 -15.13 -13.52
CA LYS H 50 28.07 -14.04 -12.56
C LYS H 50 26.74 -14.05 -11.83
N ILE H 51 25.65 -14.35 -12.55
CA ILE H 51 24.35 -14.57 -11.91
C ILE H 51 24.45 -15.71 -10.89
N ALA H 52 25.06 -16.84 -11.30
CA ALA H 52 25.24 -17.97 -10.39
C ALA H 52 26.05 -17.59 -9.16
N THR H 53 27.13 -16.83 -9.34
CA THR H 53 27.96 -16.42 -8.21
C THR H 53 27.14 -15.62 -7.22
N SER H 54 26.39 -14.63 -7.71
CA SER H 54 25.58 -13.77 -6.85
C SER H 54 24.52 -14.58 -6.11
N LEU H 55 23.94 -15.55 -6.80
CA LEU H 55 22.92 -16.40 -6.20
C LEU H 55 23.49 -17.14 -4.99
N PHE H 56 24.59 -17.88 -5.19
CA PHE H 56 25.08 -18.80 -4.16
C PHE H 56 25.84 -18.08 -3.06
N GLU H 57 26.10 -16.77 -3.22
CA GLU H 57 26.71 -16.01 -2.14
C GLU H 57 25.83 -15.94 -0.90
N SER H 58 24.54 -16.26 -1.01
CA SER H 58 23.68 -16.35 0.17
C SER H 58 23.21 -17.78 0.45
N GLY H 59 23.89 -18.78 -0.10
CA GLY H 59 23.68 -20.17 0.28
C GLY H 59 23.23 -21.03 -0.88
N ILE H 60 23.10 -22.31 -0.59
CA ILE H 60 22.74 -23.29 -1.61
C ILE H 60 21.70 -24.25 -1.02
N ASN H 61 20.68 -24.54 -1.81
CA ASN H 61 19.74 -25.62 -1.51
C ASN H 61 19.21 -26.10 -2.86
N TRP H 62 18.46 -27.21 -2.86
CA TRP H 62 18.04 -27.74 -4.16
C TRP H 62 17.14 -26.75 -4.90
N GLY H 63 16.37 -25.93 -4.18
CA GLY H 63 15.47 -25.00 -4.86
C GLY H 63 16.26 -23.96 -5.62
N ARG H 64 17.33 -23.45 -5.02
CA ARG H 64 18.22 -22.52 -5.70
C ARG H 64 18.87 -23.15 -6.93
N VAL H 65 19.38 -24.38 -6.79
CA VAL H 65 20.01 -25.04 -7.95
C VAL H 65 19.03 -25.17 -9.10
N VAL H 66 17.85 -25.77 -8.85
CA VAL H 66 16.93 -26.00 -9.96
C VAL H 66 16.39 -24.69 -10.50
N ALA H 67 16.23 -23.66 -9.66
CA ALA H 67 15.87 -22.34 -10.19
C ALA H 67 16.96 -21.84 -11.14
N LEU H 68 18.22 -22.01 -10.76
CA LEU H 68 19.30 -21.59 -11.64
C LEU H 68 19.28 -22.39 -12.94
N LEU H 69 18.99 -23.70 -12.86
CA LEU H 69 19.01 -24.50 -14.08
C LEU H 69 17.85 -24.11 -14.99
N GLY H 70 16.65 -23.90 -14.43
CA GLY H 70 15.55 -23.42 -15.26
C GLY H 70 15.83 -22.07 -15.89
N PHE H 71 16.41 -21.15 -15.12
CA PHE H 71 16.74 -19.86 -15.70
C PHE H 71 17.81 -19.99 -16.78
N GLY H 72 18.85 -20.80 -16.54
CA GLY H 72 19.85 -21.00 -17.58
C GLY H 72 19.26 -21.57 -18.85
N TYR H 73 18.29 -22.47 -18.72
CA TYR H 73 17.59 -22.97 -19.90
C TYR H 73 16.88 -21.84 -20.63
N ARG H 74 16.13 -21.01 -19.89
CA ARG H 74 15.41 -19.90 -20.51
C ARG H 74 16.37 -18.91 -21.13
N LEU H 75 17.52 -18.71 -20.48
CA LEU H 75 18.55 -17.81 -21.01
C LEU H 75 19.11 -18.31 -22.33
N ALA H 76 19.51 -19.59 -22.37
CA ALA H 76 20.02 -20.16 -23.62
C ALA H 76 18.95 -20.14 -24.71
N LEU H 77 17.73 -20.54 -24.37
CA LEU H 77 16.66 -20.54 -25.36
C LEU H 77 16.40 -19.13 -25.88
N HIS H 78 16.47 -18.14 -24.99
CA HIS H 78 16.26 -16.75 -25.37
C HIS H 78 17.31 -16.29 -26.38
N VAL H 79 18.58 -16.55 -26.08
CA VAL H 79 19.65 -16.17 -27.00
C VAL H 79 19.48 -16.92 -28.32
N TYR H 80 19.26 -18.23 -28.24
CA TYR H 80 19.11 -19.05 -29.43
C TYR H 80 18.05 -18.48 -30.36
N GLN H 81 16.87 -18.20 -29.84
CA GLN H 81 15.74 -17.84 -30.69
C GLN H 81 15.79 -16.38 -31.15
N HIS H 82 16.73 -15.59 -30.65
CA HIS H 82 16.82 -14.18 -31.01
C HIS H 82 18.19 -13.74 -31.53
N GLY H 83 19.26 -14.45 -31.23
CA GLY H 83 20.59 -14.07 -31.69
C GLY H 83 21.36 -13.20 -30.70
N GLY I 4 -9.96 -35.08 -17.36
CA GLY I 4 -8.61 -34.83 -17.81
C GLY I 4 -8.54 -33.56 -18.63
N SER I 5 -8.64 -33.69 -19.95
CA SER I 5 -8.72 -32.48 -20.79
C SER I 5 -10.05 -31.76 -20.64
N SER I 6 -10.97 -32.30 -19.84
CA SER I 6 -12.26 -31.67 -19.61
C SER I 6 -12.10 -30.46 -18.69
N THR I 7 -13.12 -29.60 -18.70
CA THR I 7 -13.20 -28.52 -17.72
C THR I 7 -13.24 -29.08 -16.31
N MET I 8 -13.97 -30.19 -16.11
CA MET I 8 -13.99 -30.84 -14.80
C MET I 8 -12.58 -31.26 -14.37
N GLY I 9 -11.82 -31.86 -15.30
CA GLY I 9 -10.45 -32.24 -14.96
C GLY I 9 -9.63 -31.05 -14.53
N GLN I 10 -9.75 -29.94 -15.28
CA GLN I 10 -8.96 -28.74 -14.99
C GLN I 10 -9.38 -28.11 -13.67
N VAL I 11 -10.67 -28.09 -13.35
CA VAL I 11 -11.08 -27.53 -12.06
C VAL I 11 -10.60 -28.42 -10.92
N GLY I 12 -10.60 -29.73 -11.13
CA GLY I 12 -10.09 -30.61 -10.09
C GLY I 12 -8.60 -30.40 -9.82
N ARG I 13 -7.80 -30.26 -10.88
CA ARG I 13 -6.38 -29.95 -10.69
C ARG I 13 -6.18 -28.58 -10.04
N GLN I 14 -7.07 -27.62 -10.31
CA GLN I 14 -6.98 -26.31 -9.65
C GLN I 14 -7.30 -26.41 -8.17
N LEU I 15 -8.32 -27.20 -7.81
CA LEU I 15 -8.58 -27.49 -6.41
C LEU I 15 -7.44 -28.27 -5.76
N ALA I 16 -6.78 -29.16 -6.52
CA ALA I 16 -5.55 -29.80 -6.04
C ALA I 16 -4.53 -28.77 -5.58
N ILE I 17 -4.31 -27.73 -6.39
CA ILE I 17 -3.33 -26.70 -6.05
C ILE I 17 -3.78 -25.90 -4.85
N ILE I 18 -5.06 -25.51 -4.83
CA ILE I 18 -5.62 -24.81 -3.68
C ILE I 18 -5.51 -25.68 -2.42
N GLY I 19 -5.89 -26.96 -2.52
CA GLY I 19 -5.80 -27.83 -1.36
C GLY I 19 -4.39 -27.93 -0.83
N ASP I 20 -3.41 -28.13 -1.72
CA ASP I 20 -2.02 -28.23 -1.28
C ASP I 20 -1.56 -26.92 -0.67
N ASP I 21 -2.09 -25.79 -1.13
CA ASP I 21 -1.72 -24.49 -0.57
C ASP I 21 -2.28 -24.33 0.84
N ILE I 22 -3.53 -24.76 1.05
CA ILE I 22 -4.08 -24.70 2.40
C ILE I 22 -3.29 -25.60 3.33
N ASN I 23 -2.95 -26.80 2.84
CA ASN I 23 -2.16 -27.72 3.63
C ASN I 23 -0.81 -27.09 4.00
N ARG I 24 -0.15 -26.51 3.01
CA ARG I 24 1.16 -25.91 3.23
C ARG I 24 1.09 -24.71 4.18
N ARG I 25 0.03 -23.93 4.07
CA ARG I 25 -0.01 -22.64 4.78
C ARG I 25 -0.37 -22.82 6.25
N TYR I 26 -1.24 -23.77 6.56
CA TYR I 26 -1.82 -23.84 7.89
C TYR I 26 -1.52 -25.12 8.67
N ASP I 27 -0.94 -26.16 8.05
CA ASP I 27 -0.77 -27.41 8.78
C ASP I 27 0.12 -27.23 10.01
N SER I 28 1.22 -26.49 9.87
CA SER I 28 2.11 -26.28 11.01
C SER I 28 1.45 -25.42 12.07
N GLU I 29 0.66 -24.43 11.66
CA GLU I 29 -0.07 -23.64 12.64
C GLU I 29 -1.04 -24.51 13.43
N PHE I 30 -1.74 -25.42 12.75
CA PHE I 30 -2.58 -26.38 13.47
C PHE I 30 -1.76 -27.20 14.44
N GLN I 31 -0.56 -27.61 14.02
CA GLN I 31 0.31 -28.40 14.89
C GLN I 31 0.68 -27.62 16.14
N THR I 32 1.07 -26.36 15.96
CA THR I 32 1.43 -25.53 17.11
C THR I 32 0.23 -25.30 18.02
N MET I 33 -0.95 -25.06 17.45
CA MET I 33 -2.15 -24.94 18.26
C MET I 33 -2.38 -26.16 19.13
N LEU I 34 -2.15 -27.35 18.58
CA LEU I 34 -2.43 -28.56 19.33
C LEU I 34 -1.40 -28.75 20.43
N GLN I 35 -0.14 -28.44 20.12
CA GLN I 35 0.91 -28.48 21.13
C GLN I 35 0.59 -27.55 22.28
N HIS I 36 0.08 -26.35 21.97
CA HIS I 36 -0.30 -25.39 22.99
C HIS I 36 -1.50 -25.85 23.80
N LEU I 37 -2.42 -26.55 23.15
CA LEU I 37 -3.67 -26.95 23.80
C LEU I 37 -3.51 -28.20 24.65
N GLN I 38 -2.60 -29.09 24.26
CA GLN I 38 -2.39 -30.36 24.93
C GLN I 38 -3.72 -31.11 25.12
N PRO I 39 -4.47 -31.35 24.05
CA PRO I 39 -5.78 -31.99 24.22
C PRO I 39 -5.67 -33.47 24.53
N THR I 40 -6.68 -33.97 25.22
CA THR I 40 -6.78 -35.38 25.59
C THR I 40 -8.03 -35.98 24.95
N ALA I 41 -8.19 -37.29 25.13
CA ALA I 41 -9.46 -37.91 24.76
C ALA I 41 -10.58 -37.44 25.68
N GLU I 42 -10.26 -37.15 26.94
CA GLU I 42 -11.26 -36.69 27.89
C GLU I 42 -11.85 -35.36 27.46
N ASN I 43 -11.02 -34.44 26.98
CA ASN I 43 -11.44 -33.06 26.80
C ASN I 43 -11.45 -32.60 25.34
N ALA I 44 -11.13 -33.48 24.38
CA ALA I 44 -11.04 -33.06 22.99
C ALA I 44 -12.34 -32.44 22.51
N TYR I 45 -13.47 -33.08 22.82
CA TYR I 45 -14.75 -32.55 22.35
C TYR I 45 -15.10 -31.23 23.05
N GLU I 46 -14.87 -31.15 24.36
CA GLU I 46 -15.11 -29.88 25.05
C GLU I 46 -14.22 -28.78 24.48
N TYR I 47 -12.95 -29.10 24.23
CA TYR I 47 -12.05 -28.14 23.62
C TYR I 47 -12.57 -27.69 22.26
N PHE I 48 -12.91 -28.66 21.41
CA PHE I 48 -13.36 -28.32 20.08
C PHE I 48 -14.58 -27.43 20.12
N THR I 49 -15.54 -27.72 21.03
CA THR I 49 -16.76 -26.92 21.09
C THR I 49 -16.48 -25.50 21.56
N LYS I 50 -15.57 -25.33 22.54
CA LYS I 50 -15.22 -24.00 22.99
C LYS I 50 -14.44 -23.24 21.92
N ILE I 51 -13.61 -23.93 21.15
CA ILE I 51 -12.87 -23.28 20.08
C ILE I 51 -13.82 -22.80 18.98
N ALA I 52 -14.79 -23.64 18.63
CA ALA I 52 -15.78 -23.28 17.61
C ALA I 52 -16.57 -22.05 18.03
N THR I 53 -16.94 -21.99 19.30
CA THR I 53 -17.71 -20.84 19.77
C THR I 53 -16.87 -19.57 19.67
N SER I 54 -15.59 -19.67 20.00
CA SER I 54 -14.74 -18.49 19.90
C SER I 54 -14.54 -18.09 18.43
N LEU I 55 -14.43 -19.07 17.55
CA LEU I 55 -14.23 -18.79 16.13
C LEU I 55 -15.45 -18.11 15.53
N PHE I 56 -16.64 -18.64 15.78
CA PHE I 56 -17.82 -18.08 15.13
C PHE I 56 -18.35 -16.84 15.83
N GLU I 57 -17.71 -16.38 16.91
CA GLU I 57 -18.12 -15.10 17.50
C GLU I 57 -17.96 -13.95 16.51
N SER I 58 -16.92 -13.97 15.67
CA SER I 58 -16.69 -12.88 14.72
C SER I 58 -17.31 -13.12 13.34
N GLY I 59 -18.11 -14.17 13.16
CA GLY I 59 -18.81 -14.37 11.92
C GLY I 59 -18.61 -15.76 11.38
N ILE I 60 -19.17 -15.98 10.19
CA ILE I 60 -19.07 -17.29 9.53
C ILE I 60 -19.02 -17.08 8.03
N ASN I 61 -18.16 -17.86 7.38
CA ASN I 61 -18.15 -17.99 5.92
C ASN I 61 -17.56 -19.35 5.65
N TRP I 62 -17.51 -19.73 4.37
CA TRP I 62 -17.10 -21.10 4.07
C TRP I 62 -15.64 -21.32 4.45
N GLY I 63 -14.80 -20.29 4.34
CA GLY I 63 -13.41 -20.45 4.74
C GLY I 63 -13.26 -20.76 6.22
N ARG I 64 -14.05 -20.07 7.06
CA ARG I 64 -14.07 -20.35 8.50
C ARG I 64 -14.53 -21.76 8.81
N VAL I 65 -15.56 -22.24 8.13
CA VAL I 65 -16.01 -23.61 8.38
C VAL I 65 -14.94 -24.62 7.99
N VAL I 66 -14.34 -24.46 6.81
CA VAL I 66 -13.35 -25.46 6.40
C VAL I 66 -12.10 -25.38 7.27
N ALA I 67 -11.72 -24.19 7.73
CA ALA I 67 -10.63 -24.11 8.70
C ALA I 67 -10.95 -24.93 9.94
N LEU I 68 -12.19 -24.84 10.43
CA LEU I 68 -12.57 -25.59 11.61
C LEU I 68 -12.60 -27.09 11.32
N LEU I 69 -13.12 -27.47 10.15
CA LEU I 69 -13.11 -28.87 9.76
C LEU I 69 -11.70 -29.42 9.71
N GLY I 70 -10.77 -28.67 9.12
CA GLY I 70 -9.41 -29.16 9.02
C GLY I 70 -8.79 -29.28 10.40
N PHE I 71 -9.05 -28.31 11.27
CA PHE I 71 -8.54 -28.36 12.63
C PHE I 71 -9.15 -29.51 13.41
N GLY I 72 -10.46 -29.72 13.27
CA GLY I 72 -11.08 -30.87 13.93
C GLY I 72 -10.45 -32.18 13.51
N TYR I 73 -10.15 -32.32 12.21
CA TYR I 73 -9.48 -33.53 11.74
C TYR I 73 -8.11 -33.68 12.39
N ARG I 74 -7.35 -32.59 12.46
CA ARG I 74 -6.03 -32.66 13.08
C ARG I 74 -6.15 -32.91 14.57
N LEU I 75 -7.13 -32.31 15.22
CA LEU I 75 -7.36 -32.54 16.65
C LEU I 75 -7.64 -34.00 16.93
N ALA I 76 -8.56 -34.60 16.17
CA ALA I 76 -8.92 -36.00 16.38
C ALA I 76 -7.74 -36.92 16.15
N LEU I 77 -6.96 -36.66 15.10
CA LEU I 77 -5.81 -37.50 14.80
C LEU I 77 -4.77 -37.36 15.89
N HIS I 78 -4.57 -36.14 16.37
CA HIS I 78 -3.60 -35.89 17.43
C HIS I 78 -3.97 -36.65 18.71
N VAL I 79 -5.21 -36.49 19.18
CA VAL I 79 -5.64 -37.20 20.38
C VAL I 79 -5.50 -38.70 20.19
N TYR I 80 -5.88 -39.20 19.02
CA TYR I 80 -5.85 -40.62 18.73
C TYR I 80 -4.43 -41.17 18.79
N GLN I 81 -3.52 -40.60 17.99
CA GLN I 81 -2.16 -41.12 17.92
C GLN I 81 -1.41 -40.95 19.23
N HIS I 82 -1.68 -39.88 19.98
CA HIS I 82 -0.95 -39.64 21.23
C HIS I 82 -1.41 -40.58 22.35
N GLY I 83 -2.70 -40.96 22.36
CA GLY I 83 -3.16 -41.95 23.31
C GLY I 83 -2.69 -43.36 23.04
N LEU I 84 -2.16 -43.61 21.84
CA LEU I 84 -1.64 -44.93 21.48
C LEU I 84 -0.26 -45.17 22.09
N SER J 6 -8.79 -19.49 27.86
CA SER J 6 -8.35 -18.44 26.97
C SER J 6 -7.52 -18.98 25.82
N THR J 7 -6.68 -20.00 26.05
CA THR J 7 -6.00 -20.64 24.93
C THR J 7 -7.01 -21.19 23.94
N MET J 8 -8.10 -21.77 24.44
CA MET J 8 -9.18 -22.18 23.54
C MET J 8 -9.74 -20.99 22.78
N GLY J 9 -9.90 -19.85 23.47
CA GLY J 9 -10.37 -18.65 22.81
C GLY J 9 -9.34 -18.07 21.86
N GLN J 10 -8.06 -18.14 22.23
CA GLN J 10 -7.02 -17.67 21.32
C GLN J 10 -6.95 -18.54 20.07
N VAL J 11 -7.08 -19.87 20.21
CA VAL J 11 -7.09 -20.75 19.04
C VAL J 11 -8.29 -20.44 18.15
N GLY J 12 -9.46 -20.22 18.73
CA GLY J 12 -10.62 -19.91 17.91
C GLY J 12 -10.46 -18.59 17.18
N ARG J 13 -9.82 -17.61 17.80
CA ARG J 13 -9.61 -16.38 17.06
C ARG J 13 -8.60 -16.58 15.94
N GLN J 14 -7.57 -17.42 16.16
CA GLN J 14 -6.63 -17.67 15.07
C GLN J 14 -7.28 -18.49 13.95
N LEU J 15 -8.17 -19.43 14.29
CA LEU J 15 -8.92 -20.11 13.23
C LEU J 15 -9.80 -19.13 12.47
N ALA J 16 -10.34 -18.11 13.16
CA ALA J 16 -11.16 -17.11 12.48
C ALA J 16 -10.33 -16.34 11.47
N ILE J 17 -9.10 -15.98 11.83
CA ILE J 17 -8.23 -15.28 10.90
C ILE J 17 -7.80 -16.20 9.75
N ILE J 18 -7.47 -17.45 10.05
CA ILE J 18 -7.17 -18.42 8.99
C ILE J 18 -8.37 -18.60 8.07
N GLY J 19 -9.57 -18.72 8.65
CA GLY J 19 -10.76 -18.91 7.83
C GLY J 19 -11.00 -17.76 6.89
N ASP J 20 -10.89 -16.53 7.39
CA ASP J 20 -11.02 -15.35 6.54
C ASP J 20 -9.90 -15.25 5.50
N ASP J 21 -8.70 -15.69 5.84
CA ASP J 21 -7.60 -15.72 4.87
C ASP J 21 -7.91 -16.70 3.72
N ILE J 22 -8.36 -17.90 4.08
CA ILE J 22 -8.81 -18.89 3.09
C ILE J 22 -9.93 -18.30 2.23
N ASN J 23 -10.91 -17.66 2.86
CA ASN J 23 -12.01 -17.05 2.13
C ASN J 23 -11.51 -16.00 1.14
N ARG J 24 -10.62 -15.10 1.59
CA ARG J 24 -10.16 -14.04 0.69
C ARG J 24 -9.25 -14.60 -0.41
N ARG J 25 -8.43 -15.58 -0.07
CA ARG J 25 -7.45 -16.10 -1.03
C ARG J 25 -8.12 -16.84 -2.18
N TYR J 26 -9.17 -17.62 -1.90
CA TYR J 26 -9.67 -18.59 -2.86
C TYR J 26 -11.09 -18.37 -3.37
N ASP J 27 -11.88 -17.50 -2.74
CA ASP J 27 -13.28 -17.40 -3.12
C ASP J 27 -13.45 -16.90 -4.56
N SER J 28 -12.65 -15.93 -4.98
CA SER J 28 -12.80 -15.46 -6.36
C SER J 28 -12.32 -16.50 -7.37
N GLU J 29 -11.44 -17.41 -6.96
CA GLU J 29 -11.09 -18.52 -7.83
C GLU J 29 -12.23 -19.53 -7.90
N PHE J 30 -12.91 -19.80 -6.77
CA PHE J 30 -14.11 -20.63 -6.85
C PHE J 30 -15.12 -20.03 -7.81
N GLN J 31 -15.27 -18.70 -7.77
CA GLN J 31 -16.24 -18.05 -8.64
C GLN J 31 -15.89 -18.26 -10.11
N THR J 32 -14.61 -18.12 -10.46
CA THR J 32 -14.20 -18.28 -11.84
C THR J 32 -14.44 -19.71 -12.32
N MET J 33 -14.14 -20.68 -11.47
CA MET J 33 -14.40 -22.07 -11.82
C MET J 33 -15.89 -22.30 -12.03
N LEU J 34 -16.74 -21.70 -11.18
CA LEU J 34 -18.19 -21.87 -11.35
C LEU J 34 -18.68 -21.28 -12.65
N GLN J 35 -18.05 -20.18 -13.11
CA GLN J 35 -18.48 -19.54 -14.34
C GLN J 35 -18.04 -20.34 -15.57
N HIS J 36 -16.90 -21.01 -15.51
CA HIS J 36 -16.53 -21.92 -16.61
C HIS J 36 -17.40 -23.17 -16.60
N LEU J 37 -17.82 -23.60 -15.42
CA LEU J 37 -18.57 -24.85 -15.32
C LEU J 37 -20.01 -24.67 -15.78
N GLN J 38 -20.63 -23.55 -15.42
CA GLN J 38 -22.04 -23.32 -15.63
C GLN J 38 -22.87 -24.47 -15.05
N PRO J 39 -22.76 -24.73 -13.75
CA PRO J 39 -23.49 -25.86 -13.17
C PRO J 39 -24.97 -25.54 -13.06
N THR J 40 -25.76 -26.60 -13.15
CA THR J 40 -27.20 -26.55 -12.99
C THR J 40 -27.59 -27.63 -11.99
N ALA J 41 -28.88 -27.74 -11.71
CA ALA J 41 -29.34 -28.78 -10.80
C ALA J 41 -29.14 -30.17 -11.39
N GLU J 42 -29.32 -30.31 -12.71
CA GLU J 42 -29.26 -31.65 -13.29
C GLU J 42 -27.81 -32.14 -13.49
N ASN J 43 -26.83 -31.24 -13.55
CA ASN J 43 -25.44 -31.68 -13.72
C ASN J 43 -24.56 -31.44 -12.50
N ALA J 44 -25.09 -30.88 -11.41
CA ALA J 44 -24.24 -30.52 -10.27
C ALA J 44 -23.51 -31.73 -9.70
N TYR J 45 -24.22 -32.85 -9.52
CA TYR J 45 -23.61 -34.02 -8.91
C TYR J 45 -22.60 -34.67 -9.84
N GLU J 46 -22.92 -34.78 -11.13
CA GLU J 46 -21.96 -35.28 -12.11
C GLU J 46 -20.66 -34.48 -12.05
N TYR J 47 -20.77 -33.15 -12.13
CA TYR J 47 -19.58 -32.29 -12.13
C TYR J 47 -18.79 -32.43 -10.83
N PHE J 48 -19.49 -32.45 -9.69
CA PHE J 48 -18.77 -32.53 -8.42
C PHE J 48 -17.96 -33.82 -8.32
N THR J 49 -18.54 -34.94 -8.75
CA THR J 49 -17.83 -36.22 -8.63
C THR J 49 -16.67 -36.31 -9.62
N LYS J 50 -16.84 -35.73 -10.81
CA LYS J 50 -15.74 -35.71 -11.79
C LYS J 50 -14.62 -34.78 -11.33
N ILE J 51 -14.97 -33.64 -10.74
CA ILE J 51 -13.96 -32.74 -10.17
C ILE J 51 -13.24 -33.42 -9.01
N ALA J 52 -13.98 -34.14 -8.15
CA ALA J 52 -13.36 -34.85 -7.05
C ALA J 52 -12.39 -35.91 -7.56
N THR J 53 -12.78 -36.62 -8.62
CA THR J 53 -11.92 -37.65 -9.17
C THR J 53 -10.62 -37.07 -9.69
N SER J 54 -10.70 -35.96 -10.43
CA SER J 54 -9.49 -35.33 -10.96
C SER J 54 -8.61 -34.80 -9.83
N LEU J 55 -9.24 -34.23 -8.80
CA LEU J 55 -8.50 -33.75 -7.64
C LEU J 55 -7.68 -34.85 -7.01
N PHE J 56 -8.32 -35.98 -6.70
CA PHE J 56 -7.64 -37.00 -5.91
C PHE J 56 -6.69 -37.86 -6.74
N GLU J 57 -6.70 -37.72 -8.07
CA GLU J 57 -5.74 -38.41 -8.93
C GLU J 57 -4.30 -38.02 -8.60
N SER J 58 -4.09 -36.90 -7.90
CA SER J 58 -2.75 -36.52 -7.52
C SER J 58 -2.52 -36.60 -6.01
N GLY J 59 -3.42 -37.23 -5.27
CA GLY J 59 -3.22 -37.46 -3.84
C GLY J 59 -4.35 -36.87 -2.99
N ILE J 60 -4.25 -37.15 -1.69
CA ILE J 60 -5.23 -36.68 -0.73
C ILE J 60 -4.52 -36.23 0.56
N ASN J 61 -4.91 -35.05 1.04
CA ASN J 61 -4.53 -34.54 2.37
C ASN J 61 -5.73 -33.76 2.87
N TRP J 62 -5.68 -33.30 4.12
CA TRP J 62 -6.87 -32.63 4.66
C TRP J 62 -7.12 -31.31 3.94
N GLY J 63 -6.05 -30.64 3.48
CA GLY J 63 -6.23 -29.42 2.70
C GLY J 63 -7.04 -29.66 1.44
N ARG J 64 -6.72 -30.75 0.72
CA ARG J 64 -7.49 -31.08 -0.48
C ARG J 64 -8.93 -31.40 -0.15
N VAL J 65 -9.16 -32.15 0.92
CA VAL J 65 -10.54 -32.51 1.27
C VAL J 65 -11.35 -31.27 1.61
N VAL J 66 -10.84 -30.41 2.49
CA VAL J 66 -11.66 -29.27 2.90
C VAL J 66 -11.80 -28.26 1.76
N ALA J 67 -10.83 -28.19 0.85
CA ALA J 67 -11.01 -27.37 -0.36
C ALA J 67 -12.16 -27.91 -1.22
N LEU J 68 -12.23 -29.23 -1.36
CA LEU J 68 -13.32 -29.82 -2.13
C LEU J 68 -14.66 -29.59 -1.47
N LEU J 69 -14.72 -29.70 -0.15
CA LEU J 69 -15.97 -29.47 0.58
C LEU J 69 -16.41 -28.01 0.48
N GLY J 70 -15.47 -27.08 0.58
CA GLY J 70 -15.80 -25.67 0.43
C GLY J 70 -16.28 -25.35 -0.97
N PHE J 71 -15.61 -25.91 -1.98
CA PHE J 71 -16.06 -25.70 -3.36
C PHE J 71 -17.43 -26.30 -3.60
N GLY J 72 -17.69 -27.49 -3.04
CA GLY J 72 -18.98 -28.14 -3.24
C GLY J 72 -20.12 -27.36 -2.59
N TYR J 73 -19.85 -26.74 -1.44
CA TYR J 73 -20.81 -25.82 -0.85
C TYR J 73 -21.09 -24.63 -1.77
N ARG J 74 -20.03 -23.98 -2.27
CA ARG J 74 -20.21 -22.85 -3.17
C ARG J 74 -20.90 -23.27 -4.46
N LEU J 75 -20.61 -24.48 -4.94
CA LEU J 75 -21.29 -25.02 -6.11
C LEU J 75 -22.78 -25.22 -5.84
N ALA J 76 -23.11 -25.89 -4.74
CA ALA J 76 -24.52 -26.11 -4.41
C ALA J 76 -25.21 -24.78 -4.17
N LEU J 77 -24.55 -23.86 -3.47
CA LEU J 77 -25.14 -22.54 -3.22
C LEU J 77 -25.38 -21.79 -4.54
N HIS J 78 -24.42 -21.87 -5.46
CA HIS J 78 -24.55 -21.20 -6.75
C HIS J 78 -25.79 -21.68 -7.49
N VAL J 79 -25.97 -23.00 -7.55
CA VAL J 79 -27.15 -23.56 -8.20
C VAL J 79 -28.42 -23.12 -7.48
N TYR J 80 -28.39 -23.13 -6.14
CA TYR J 80 -29.59 -22.84 -5.38
C TYR J 80 -30.01 -21.38 -5.53
N GLN J 81 -29.06 -20.46 -5.40
CA GLN J 81 -29.36 -19.04 -5.51
C GLN J 81 -29.68 -18.59 -6.93
N HIS J 82 -29.45 -19.43 -7.94
CA HIS J 82 -29.71 -19.04 -9.32
C HIS J 82 -30.58 -20.05 -10.06
N GLY J 83 -31.06 -21.09 -9.39
CA GLY J 83 -31.92 -22.07 -10.03
C GLY J 83 -33.37 -21.89 -9.70
N SER K 6 -12.15 0.13 16.03
CA SER K 6 -12.43 -1.00 15.16
C SER K 6 -11.44 -1.03 14.00
N THR K 7 -11.03 0.17 13.57
CA THR K 7 -9.88 0.27 12.69
C THR K 7 -8.63 -0.24 13.39
N MET K 8 -8.50 0.03 14.70
N MET K 8 -8.49 0.06 14.69
CA MET K 8 -7.35 -0.50 15.43
CA MET K 8 -7.36 -0.51 15.43
C MET K 8 -7.41 -2.03 15.52
C MET K 8 -7.43 -2.03 15.44
N GLY K 9 -8.60 -2.59 15.73
CA GLY K 9 -8.73 -4.04 15.74
C GLY K 9 -8.45 -4.66 14.39
N GLN K 10 -8.95 -4.05 13.32
CA GLN K 10 -8.69 -4.55 11.98
C GLN K 10 -7.20 -4.50 11.64
N VAL K 11 -6.54 -3.39 11.96
CA VAL K 11 -5.11 -3.30 11.71
C VAL K 11 -4.35 -4.38 12.47
N GLY K 12 -4.73 -4.63 13.73
CA GLY K 12 -4.05 -5.65 14.51
C GLY K 12 -4.23 -7.04 13.91
N ARG K 13 -5.42 -7.29 13.38
CA ARG K 13 -5.66 -8.59 12.74
C ARG K 13 -4.90 -8.71 11.42
N GLN K 14 -4.68 -7.60 10.71
CA GLN K 14 -3.85 -7.66 9.52
C GLN K 14 -2.39 -7.90 9.85
N LEU K 15 -1.91 -7.33 10.96
CA LEU K 15 -0.57 -7.63 11.47
C LEU K 15 -0.46 -9.06 11.91
N ALA K 16 -1.54 -9.62 12.47
CA ALA K 16 -1.56 -11.03 12.82
C ALA K 16 -1.31 -11.88 11.59
N ILE K 17 -1.95 -11.52 10.47
CA ILE K 17 -1.81 -12.29 9.23
C ILE K 17 -0.40 -12.14 8.68
N ILE K 18 0.09 -10.92 8.64
CA ILE K 18 1.46 -10.64 8.18
C ILE K 18 2.49 -11.34 9.06
N GLY K 19 2.32 -11.24 10.38
CA GLY K 19 3.24 -11.89 11.28
C GLY K 19 3.26 -13.41 11.12
N ASP K 20 2.09 -14.02 10.92
CA ASP K 20 2.05 -15.46 10.68
C ASP K 20 2.69 -15.79 9.35
N ASP K 21 2.57 -14.91 8.35
CA ASP K 21 3.21 -15.16 7.07
C ASP K 21 4.73 -15.09 7.21
N ILE K 22 5.23 -14.12 7.98
CA ILE K 22 6.66 -14.01 8.23
C ILE K 22 7.17 -15.25 8.93
N ASN K 23 6.44 -15.72 9.94
CA ASN K 23 6.80 -16.93 10.67
C ASN K 23 6.81 -18.11 9.73
N ARG K 24 5.74 -18.28 8.95
CA ARG K 24 5.62 -19.38 7.99
C ARG K 24 6.72 -19.33 6.92
N ARG K 25 7.07 -18.13 6.45
CA ARG K 25 7.98 -18.04 5.32
C ARG K 25 9.43 -18.31 5.71
N TYR K 26 9.85 -17.87 6.92
CA TYR K 26 11.28 -17.82 7.21
C TYR K 26 11.70 -18.65 8.41
N ASP K 27 10.77 -19.15 9.23
CA ASP K 27 11.20 -19.88 10.43
C ASP K 27 12.11 -21.05 10.08
N SER K 28 11.71 -21.87 9.11
CA SER K 28 12.53 -23.03 8.82
C SER K 28 13.88 -22.62 8.24
N GLU K 29 13.93 -21.49 7.51
CA GLU K 29 15.21 -21.00 7.02
C GLU K 29 16.12 -20.61 8.19
N PHE K 30 15.56 -19.91 9.19
CA PHE K 30 16.37 -19.61 10.38
C PHE K 30 16.90 -20.89 11.02
N GLN K 31 16.07 -21.92 11.04
CA GLN K 31 16.48 -23.21 11.62
C GLN K 31 17.65 -23.80 10.84
N THR K 32 17.57 -23.75 9.51
CA THR K 32 18.67 -24.28 8.69
C THR K 32 19.94 -23.45 8.88
N MET K 33 19.82 -22.13 8.92
CA MET K 33 20.98 -21.28 9.16
C MET K 33 21.65 -21.61 10.49
N LEU K 34 20.86 -21.86 11.53
CA LEU K 34 21.42 -22.23 12.83
C LEU K 34 22.05 -23.61 12.80
N GLN K 35 21.43 -24.54 12.05
CA GLN K 35 22.06 -25.85 11.89
C GLN K 35 23.42 -25.73 11.21
N HIS K 36 23.54 -24.84 10.21
CA HIS K 36 24.83 -24.70 9.52
C HIS K 36 25.85 -23.96 10.39
N LEU K 37 25.42 -22.95 11.14
CA LEU K 37 26.33 -22.17 11.96
C LEU K 37 26.89 -22.98 13.14
N GLN K 38 26.10 -23.88 13.70
CA GLN K 38 26.45 -24.62 14.91
C GLN K 38 26.90 -23.66 16.02
N PRO K 39 26.06 -22.72 16.43
CA PRO K 39 26.48 -21.75 17.44
C PRO K 39 26.56 -22.39 18.81
N THR K 40 27.43 -21.83 19.65
CA THR K 40 27.50 -22.21 21.05
C THR K 40 27.37 -20.96 21.90
N ALA K 41 27.22 -21.17 23.20
CA ALA K 41 27.07 -20.04 24.11
C ALA K 41 28.27 -19.11 24.07
N GLU K 42 29.46 -19.65 23.81
CA GLU K 42 30.65 -18.81 23.86
C GLU K 42 30.92 -18.05 22.55
N ASN K 43 30.34 -18.46 21.44
CA ASN K 43 30.52 -17.72 20.18
C ASN K 43 29.23 -17.13 19.62
N ALA K 44 28.08 -17.34 20.28
CA ALA K 44 26.83 -16.85 19.71
C ALA K 44 26.83 -15.35 19.52
N TYR K 45 27.38 -14.60 20.49
CA TYR K 45 27.38 -13.14 20.35
C TYR K 45 28.32 -12.71 19.23
N GLU K 46 29.49 -13.35 19.14
CA GLU K 46 30.42 -13.04 18.05
C GLU K 46 29.83 -13.39 16.69
N TYR K 47 29.20 -14.55 16.58
CA TYR K 47 28.50 -14.90 15.35
C TYR K 47 27.45 -13.84 14.99
N PHE K 48 26.63 -13.46 15.98
CA PHE K 48 25.58 -12.48 15.72
C PHE K 48 26.15 -11.16 15.20
N THR K 49 27.23 -10.67 15.81
CA THR K 49 27.77 -9.38 15.38
C THR K 49 28.33 -9.46 13.96
N LYS K 50 28.98 -10.58 13.62
CA LYS K 50 29.53 -10.73 12.27
C LYS K 50 28.42 -10.96 11.25
N ILE K 51 27.37 -11.67 11.65
CA ILE K 51 26.22 -11.85 10.77
C ILE K 51 25.59 -10.50 10.46
N ALA K 52 25.41 -9.68 11.50
CA ALA K 52 24.78 -8.39 11.31
C ALA K 52 25.62 -7.47 10.44
N THR K 53 26.94 -7.50 10.58
CA THR K 53 27.78 -6.65 9.74
C THR K 53 27.65 -7.06 8.28
N SER K 54 27.61 -8.37 8.01
CA SER K 54 27.38 -8.85 6.65
C SER K 54 26.05 -8.37 6.12
N LEU K 55 24.99 -8.52 6.91
CA LEU K 55 23.65 -8.12 6.50
C LEU K 55 23.63 -6.64 6.06
N PHE K 56 24.08 -5.75 6.93
CA PHE K 56 23.90 -4.32 6.64
C PHE K 56 24.95 -3.78 5.67
N GLU K 57 25.91 -4.62 5.25
CA GLU K 57 26.84 -4.22 4.20
C GLU K 57 26.11 -3.76 2.93
N SER K 58 24.94 -4.35 2.64
CA SER K 58 24.18 -3.95 1.46
C SER K 58 23.02 -3.01 1.78
N GLY K 59 23.03 -2.40 2.96
CA GLY K 59 22.05 -1.36 3.28
C GLY K 59 21.12 -1.78 4.41
N ILE K 60 20.17 -0.90 4.68
CA ILE K 60 19.28 -1.06 5.84
C ILE K 60 17.87 -0.61 5.45
N ASN K 61 16.89 -1.35 5.94
CA ASN K 61 15.49 -0.93 5.94
C ASN K 61 14.81 -1.71 7.07
N TRP K 62 13.54 -1.37 7.34
CA TRP K 62 12.90 -1.98 8.50
C TRP K 62 12.78 -3.48 8.32
N GLY K 63 12.61 -3.97 7.08
CA GLY K 63 12.52 -5.41 6.87
C GLY K 63 13.79 -6.12 7.27
N ARG K 64 14.93 -5.55 6.89
CA ARG K 64 16.23 -6.11 7.28
C ARG K 64 16.40 -6.13 8.80
N VAL K 65 15.96 -5.07 9.48
CA VAL K 65 16.13 -5.04 10.93
C VAL K 65 15.25 -6.10 11.60
N VAL K 66 13.97 -6.19 11.19
CA VAL K 66 13.13 -7.20 11.84
C VAL K 66 13.62 -8.60 11.52
N ALA K 67 14.18 -8.82 10.32
CA ALA K 67 14.73 -10.15 10.04
C ALA K 67 15.87 -10.47 11.01
N LEU K 68 16.75 -9.50 11.26
CA LEU K 68 17.84 -9.74 12.20
C LEU K 68 17.31 -9.95 13.61
N LEU K 69 16.27 -9.21 13.99
CA LEU K 69 15.68 -9.38 15.32
C LEU K 69 15.09 -10.76 15.49
N GLY K 70 14.28 -11.19 14.52
CA GLY K 70 13.73 -12.54 14.54
C GLY K 70 14.82 -13.60 14.57
N PHE K 71 15.88 -13.40 13.79
CA PHE K 71 16.97 -14.36 13.80
C PHE K 71 17.71 -14.36 15.14
N GLY K 72 17.99 -13.17 15.68
CA GLY K 72 18.61 -13.08 16.99
C GLY K 72 17.83 -13.82 18.05
N TYR K 73 16.50 -13.75 17.98
CA TYR K 73 15.67 -14.47 18.92
C TYR K 73 15.87 -15.97 18.75
N ARG K 74 15.90 -16.44 17.50
CA ARG K 74 16.02 -17.87 17.26
C ARG K 74 17.39 -18.38 17.69
N LEU K 75 18.44 -17.61 17.36
CA LEU K 75 19.80 -17.90 17.83
C LEU K 75 19.87 -18.04 19.35
N ALA K 76 19.45 -17.00 20.07
CA ALA K 76 19.42 -17.03 21.52
C ALA K 76 18.67 -18.24 22.05
N LEU K 77 17.45 -18.44 21.56
CA LEU K 77 16.65 -19.59 21.97
C LEU K 77 17.35 -20.91 21.64
N HIS K 78 18.00 -20.98 20.47
CA HIS K 78 18.70 -22.19 20.05
C HIS K 78 19.87 -22.51 20.99
N VAL K 79 20.72 -21.52 21.24
CA VAL K 79 21.87 -21.70 22.11
C VAL K 79 21.42 -22.09 23.51
N TYR K 80 20.36 -21.46 24.01
CA TYR K 80 19.89 -21.74 25.36
C TYR K 80 19.39 -23.17 25.49
N GLN K 81 18.52 -23.59 24.56
CA GLN K 81 17.91 -24.92 24.70
C GLN K 81 18.89 -26.06 24.45
N HIS K 82 19.97 -25.83 23.69
CA HIS K 82 20.90 -26.91 23.40
C HIS K 82 21.97 -27.10 24.47
N GLY K 83 22.25 -26.08 25.26
CA GLY K 83 23.15 -26.25 26.39
C GLY K 83 22.50 -26.81 27.64
N LEU K 84 21.25 -27.24 27.54
CA LEU K 84 20.56 -27.88 28.67
C LEU K 84 20.56 -29.40 28.50
N SER L 5 34.35 -16.87 1.12
CA SER L 5 33.17 -16.57 1.93
C SER L 5 33.19 -17.36 3.23
N SER L 6 32.33 -16.98 4.17
CA SER L 6 32.22 -17.66 5.45
C SER L 6 30.75 -17.86 5.79
N THR L 7 30.48 -18.83 6.66
CA THR L 7 29.09 -19.14 6.99
C THR L 7 28.39 -17.94 7.61
N MET L 8 29.08 -17.21 8.49
CA MET L 8 28.50 -15.97 9.03
C MET L 8 28.18 -14.99 7.91
N GLY L 9 29.08 -14.88 6.92
CA GLY L 9 28.84 -13.96 5.82
C GLY L 9 27.67 -14.37 4.97
N GLN L 10 27.55 -15.67 4.66
CA GLN L 10 26.43 -16.13 3.85
C GLN L 10 25.11 -15.98 4.57
N VAL L 11 25.08 -16.29 5.88
CA VAL L 11 23.85 -16.11 6.67
C VAL L 11 23.43 -14.64 6.67
N GLY L 12 24.38 -13.74 6.88
CA GLY L 12 24.05 -12.33 6.81
C GLY L 12 23.49 -11.91 5.46
N ARG L 13 24.07 -12.43 4.37
CA ARG L 13 23.55 -12.11 3.05
C ARG L 13 22.18 -12.73 2.82
N GLN L 14 21.93 -13.92 3.37
CA GLN L 14 20.59 -14.47 3.25
C GLN L 14 19.58 -13.68 4.08
N LEU L 15 19.99 -13.16 5.24
CA LEU L 15 19.07 -12.30 5.99
C LEU L 15 18.81 -10.99 5.27
N ALA L 16 19.79 -10.49 4.49
CA ALA L 16 19.59 -9.28 3.70
C ALA L 16 18.47 -9.49 2.69
N ILE L 17 18.51 -10.61 1.99
CA ILE L 17 17.50 -10.91 0.99
C ILE L 17 16.15 -11.17 1.65
N ILE L 18 16.15 -11.89 2.78
CA ILE L 18 14.92 -12.09 3.56
C ILE L 18 14.33 -10.75 4.00
N GLY L 19 15.19 -9.85 4.51
CA GLY L 19 14.71 -8.54 4.91
C GLY L 19 14.17 -7.71 3.75
N ASP L 20 14.85 -7.76 2.60
CA ASP L 20 14.32 -7.05 1.44
C ASP L 20 12.99 -7.67 0.99
N ASP L 21 12.88 -8.99 1.07
CA ASP L 21 11.63 -9.69 0.75
C ASP L 21 10.50 -9.24 1.68
N ILE L 22 10.78 -9.14 2.98
CA ILE L 22 9.77 -8.67 3.95
C ILE L 22 9.34 -7.24 3.61
N ASN L 23 10.33 -6.36 3.38
CA ASN L 23 10.06 -4.96 3.04
C ASN L 23 9.20 -4.86 1.78
N ARG L 24 9.56 -5.59 0.72
CA ARG L 24 8.78 -5.56 -0.51
C ARG L 24 7.37 -6.12 -0.31
N ARG L 25 7.25 -7.24 0.42
CA ARG L 25 5.94 -7.87 0.55
C ARG L 25 4.96 -7.00 1.33
N TYR L 26 5.41 -6.33 2.39
CA TYR L 26 4.46 -5.74 3.32
C TYR L 26 4.52 -4.23 3.48
N ASP L 27 5.52 -3.54 2.90
CA ASP L 27 5.61 -2.11 3.19
C ASP L 27 4.41 -1.35 2.65
N SER L 28 3.86 -1.76 1.50
CA SER L 28 2.70 -1.08 0.92
C SER L 28 1.47 -1.29 1.78
N GLU L 29 1.29 -2.49 2.34
CA GLU L 29 0.23 -2.73 3.31
C GLU L 29 0.40 -1.85 4.54
N PHE L 30 1.62 -1.77 5.08
CA PHE L 30 1.87 -0.83 6.18
C PHE L 30 1.45 0.58 5.77
N GLN L 31 1.88 1.02 4.59
CA GLN L 31 1.56 2.37 4.13
C GLN L 31 0.06 2.61 4.08
N THR L 32 -0.68 1.64 3.53
CA THR L 32 -2.13 1.77 3.44
C THR L 32 -2.79 1.78 4.82
N MET L 33 -2.29 0.97 5.75
N MET L 33 -2.33 0.89 5.71
CA MET L 33 -2.88 0.95 7.09
CA MET L 33 -2.79 0.91 7.11
C MET L 33 -2.59 2.22 7.86
C MET L 33 -2.65 2.29 7.70
N LEU L 34 -1.44 2.86 7.63
CA LEU L 34 -1.18 4.16 8.25
C LEU L 34 -2.09 5.24 7.67
N GLN L 35 -2.38 5.18 6.38
CA GLN L 35 -3.33 6.13 5.79
C GLN L 35 -4.73 5.94 6.36
N HIS L 36 -5.14 4.69 6.60
CA HIS L 36 -6.44 4.46 7.21
C HIS L 36 -6.48 4.86 8.67
N LEU L 37 -5.32 4.95 9.32
CA LEU L 37 -5.25 5.25 10.75
C LEU L 37 -5.22 6.74 11.05
N GLN L 38 -4.61 7.55 10.19
CA GLN L 38 -4.35 8.96 10.48
C GLN L 38 -3.65 9.13 11.84
N PRO L 39 -2.52 8.49 12.05
CA PRO L 39 -1.84 8.63 13.34
C PRO L 39 -1.28 10.02 13.48
N THR L 40 -1.26 10.51 14.72
CA THR L 40 -0.61 11.75 15.08
C THR L 40 0.24 11.50 16.31
N ALA L 41 0.97 12.52 16.76
CA ALA L 41 1.73 12.37 17.99
C ALA L 41 0.81 12.18 19.20
N GLU L 42 -0.40 12.73 19.13
CA GLU L 42 -1.28 12.69 20.30
C GLU L 42 -1.94 11.32 20.48
N ASN L 43 -2.12 10.55 19.40
CA ASN L 43 -2.80 9.28 19.49
C ASN L 43 -1.90 8.08 19.20
N ALA L 44 -0.61 8.30 18.91
CA ALA L 44 0.22 7.21 18.43
C ALA L 44 0.35 6.09 19.45
N TYR L 45 0.47 6.44 20.73
CA TYR L 45 0.67 5.42 21.75
C TYR L 45 -0.60 4.61 21.98
N GLU L 46 -1.74 5.29 22.07
CA GLU L 46 -3.03 4.60 22.16
C GLU L 46 -3.22 3.64 20.99
N TYR L 47 -3.00 4.11 19.77
CA TYR L 47 -3.19 3.28 18.58
C TYR L 47 -2.30 2.05 18.62
N PHE L 48 -1.01 2.25 18.90
CA PHE L 48 -0.06 1.15 18.91
C PHE L 48 -0.46 0.09 19.93
N THR L 49 -0.83 0.52 21.14
CA THR L 49 -1.21 -0.44 22.18
C THR L 49 -2.55 -1.11 21.88
N LYS L 50 -3.50 -0.40 21.24
CA LYS L 50 -4.75 -1.07 20.85
C LYS L 50 -4.52 -2.03 19.69
N ILE L 51 -3.65 -1.65 18.75
CA ILE L 51 -3.27 -2.54 17.66
C ILE L 51 -2.58 -3.79 18.18
N ALA L 52 -1.60 -3.61 19.08
CA ALA L 52 -0.91 -4.77 19.67
C ALA L 52 -1.89 -5.69 20.39
N THR L 53 -2.85 -5.10 21.11
CA THR L 53 -3.80 -5.94 21.84
C THR L 53 -4.64 -6.79 20.87
N SER L 54 -5.09 -6.19 19.76
CA SER L 54 -5.87 -6.91 18.77
C SER L 54 -5.03 -8.00 18.12
N LEU L 55 -3.76 -7.70 17.85
CA LEU L 55 -2.88 -8.69 17.24
C LEU L 55 -2.73 -9.91 18.14
N PHE L 56 -2.34 -9.70 19.39
CA PHE L 56 -2.02 -10.85 20.24
C PHE L 56 -3.25 -11.56 20.76
N GLU L 57 -4.45 -11.04 20.48
CA GLU L 57 -5.66 -11.76 20.86
C GLU L 57 -5.73 -13.12 20.16
N SER L 58 -5.00 -13.29 19.08
CA SER L 58 -5.00 -14.58 18.38
C SER L 58 -3.66 -15.28 18.47
N GLY L 59 -2.77 -14.86 19.36
CA GLY L 59 -1.56 -15.61 19.66
C GLY L 59 -0.30 -14.79 19.48
N ILE L 60 0.81 -15.42 19.86
CA ILE L 60 2.13 -14.77 19.72
C ILE L 60 3.14 -15.76 19.15
N ASN L 61 3.97 -15.26 18.26
CA ASN L 61 5.16 -15.96 17.79
C ASN L 61 6.12 -14.88 17.34
N TRP L 62 7.36 -15.25 17.01
CA TRP L 62 8.33 -14.19 16.73
C TRP L 62 7.94 -13.39 15.49
N GLY L 63 7.29 -14.04 14.53
CA GLY L 63 6.81 -13.31 13.35
C GLY L 63 5.84 -12.20 13.72
N ARG L 64 4.90 -12.49 14.62
CA ARG L 64 3.94 -11.47 15.04
C ARG L 64 4.62 -10.33 15.76
N VAL L 65 5.56 -10.66 16.66
CA VAL L 65 6.28 -9.63 17.41
C VAL L 65 7.04 -8.72 16.46
N VAL L 66 7.81 -9.31 15.55
CA VAL L 66 8.67 -8.45 14.74
C VAL L 66 7.85 -7.70 13.69
N ALA L 67 6.69 -8.24 13.26
CA ALA L 67 5.83 -7.43 12.39
C ALA L 67 5.28 -6.23 13.15
N LEU L 68 4.95 -6.40 14.45
CA LEU L 68 4.41 -5.29 15.23
C LEU L 68 5.46 -4.22 15.47
N LEU L 69 6.71 -4.65 15.68
CA LEU L 69 7.81 -3.70 15.87
C LEU L 69 8.12 -2.94 14.60
N GLY L 70 8.13 -3.63 13.45
CA GLY L 70 8.31 -2.95 12.20
C GLY L 70 7.20 -1.95 11.92
N PHE L 71 5.95 -2.34 12.21
CA PHE L 71 4.83 -1.42 11.99
C PHE L 71 4.92 -0.25 12.95
N GLY L 72 5.29 -0.51 14.21
CA GLY L 72 5.45 0.57 15.16
C GLY L 72 6.52 1.55 14.75
N TYR L 73 7.61 1.05 14.16
CA TYR L 73 8.65 1.97 13.69
C TYR L 73 8.12 2.81 12.55
N ARG L 74 7.40 2.20 11.62
CA ARG L 74 6.84 2.93 10.49
C ARG L 74 5.78 3.92 10.95
N LEU L 75 4.95 3.51 11.91
CA LEU L 75 4.01 4.42 12.54
C LEU L 75 4.74 5.66 13.09
N ALA L 76 5.74 5.43 13.93
CA ALA L 76 6.46 6.55 14.54
C ALA L 76 7.13 7.42 13.49
N LEU L 77 7.78 6.80 12.51
CA LEU L 77 8.48 7.54 11.46
C LEU L 77 7.51 8.38 10.64
N HIS L 78 6.34 7.82 10.30
CA HIS L 78 5.32 8.55 9.56
C HIS L 78 4.93 9.85 10.27
N VAL L 79 4.69 9.76 11.58
CA VAL L 79 4.32 10.94 12.37
C VAL L 79 5.46 11.94 12.41
N TYR L 80 6.67 11.45 12.67
CA TYR L 80 7.82 12.35 12.76
C TYR L 80 8.10 13.04 11.42
N GLN L 81 8.10 12.29 10.33
CA GLN L 81 8.60 12.81 9.06
C GLN L 81 7.69 13.88 8.47
N HIS L 82 6.41 13.90 8.82
CA HIS L 82 5.50 14.86 8.22
C HIS L 82 4.89 15.81 9.26
N GLY L 83 5.51 15.93 10.43
CA GLY L 83 5.09 16.92 11.42
C GLY L 83 3.67 16.72 11.92
N LEU L 84 3.25 15.48 12.14
CA LEU L 84 1.86 15.18 12.47
C LEU L 84 1.63 15.36 13.97
N THR L 85 1.70 16.62 14.39
CA THR L 85 1.45 17.00 15.79
C THR L 85 0.29 17.97 15.91
#